data_4XPH
#
_entry.id   4XPH
#
_cell.length_a   97.968
_cell.length_b   144.665
_cell.length_c   165.666
_cell.angle_alpha   90.000
_cell.angle_beta   90.000
_cell.angle_gamma   90.000
#
_symmetry.space_group_name_H-M   'P 21 21 21'
#
loop_
_entity.id
_entity.type
_entity.pdbx_description
1 polymer Transporter
2 polymer 'Antibody fragment light chain'
3 polymer 'Antibody fragment heavy chain'
4 branched alpha-D-glucopyranose-(1-4)-beta-D-glucopyranose
5 non-polymer 1-ETHOXY-2-(2-ETHOXYETHOXY)ETHANE
6 non-polymer 2-(3,4-dichlorophenyl)ethanamine
7 non-polymer 'SODIUM ION'
8 non-polymer 'CHLORIDE ION'
9 non-polymer CHOLESTEROL
10 water water
#
loop_
_entity_poly.entity_id
_entity_poly.type
_entity_poly.pdbx_seq_one_letter_code
_entity_poly.pdbx_strand_id
1 'polypeptide(L)'
;DERETWSGKVDFLLSVIGFAVDLANVWRFPYLCYKNGGGAFLVPYGIMLAVGGIPLFYMELALGQHNRKGAITCWGRLVP
LFKGIGYAVVLIAFYVGFYYNVIIAWSLRFFFASFTNSLPWTSCNNIWNTPNCRPFEGHVEGFQSAASEYFNRYILELNR
SEGIHDLGAIKWDMALCLLIVYLICYFSLWKGISTSGKVVWFTALFPYAVLLILLIRGLTLPGSFLGIQYYLTPNFSAIY
KAEVWVDAATQVFFSLGPGFGVLLAYASYNKYHNNVYKDALLTSFINSATSFIAGFVIFSVLGYMAHTLGVRIEDVATEG
PGLVFVVYPAAIATMPASTFWALIFFMMLATLGLDSSFGGMEAIITALSDEFPKIKRNRELFVAGLFSLYFVVGLASCTQ
GGFYFFHLLDRYAAGYSILVAVFFEAIAVSWIYGTNRFSEDIRDMIGFPPGRYWQVCWRFVAPIFLLFITVYGLIGYEPL
TYADYVYPSWANALGWCIAGSSVVMIPAVAIFKLLSTPGSLRQRFTILTTPWRD
;
A
2 'polypeptide(L)'
;ENVLTQSPAIMSTSPGEKVTMTCRASSSVGSSYLHWYQQKSGASPKLWIYSTSNLASGVPARFSGSGSGTSYSLTISSVE
AEDAATYYCQQFSGYPLTFGSGTKLEMKRADAAPTVSIFPPSSEQLTSGGASVVCFLNNFYPKDINVKWKIEGSERQNGV
LNSWTDQDSKDSTYSMSSTLTLTKDEYERHNSYTCEATHKTSTSPIVKSFNRNE
;
L
3 'polypeptide(L)'
;EVQLVESGGGLVKPGGSLKLSCAASGFTFSSYAMSWVRQSPEKRLEWVAEISSGGRYIYYSDTVTGRFTISRDNARNILH
LEMSSLRSEDTAMYYCARGEVRQRGFDYWGQGTTLTVSSAKTTAPSVYPLAPVCGDTTGSSVTLGCLVKGYFPEPVTLTW
NSGSLSSGVHTFPAVLQSDLYTLSSSVTVTSSTWPSQSITCNVAHPASSTKVDKKIEPR
;
H
#
# COMPACT_ATOMS: atom_id res chain seq x y z
N ASP A 1 6.69 -22.08 1.30
CA ASP A 1 6.09 -21.48 2.49
C ASP A 1 7.15 -20.87 3.40
N GLU A 2 8.19 -21.65 3.70
CA GLU A 2 9.29 -21.16 4.53
C GLU A 2 10.37 -20.50 3.68
N ARG A 3 10.63 -19.22 3.95
CA ARG A 3 11.67 -18.47 3.26
C ARG A 3 12.31 -17.42 4.17
N GLU A 4 13.62 -17.26 4.04
CA GLU A 4 14.37 -16.32 4.86
C GLU A 4 14.10 -14.87 4.44
N THR A 5 14.37 -13.95 5.37
CA THR A 5 14.19 -12.52 5.12
C THR A 5 15.49 -11.77 5.38
N TRP A 6 15.57 -10.54 4.87
CA TRP A 6 16.70 -9.67 5.19
C TRP A 6 16.78 -9.49 6.70
N SER A 7 17.97 -9.67 7.25
CA SER A 7 18.20 -9.53 8.70
C SER A 7 17.77 -8.15 9.20
N GLY A 8 17.79 -7.17 8.29
CA GLY A 8 17.32 -5.83 8.58
C GLY A 8 16.86 -5.15 7.31
N LYS A 9 16.03 -4.13 7.46
CA LYS A 9 15.49 -3.41 6.31
C LYS A 9 16.58 -2.76 5.47
N VAL A 10 17.57 -2.18 6.14
CA VAL A 10 18.66 -1.46 5.48
C VAL A 10 19.45 -2.36 4.54
N ASP A 11 19.57 -3.64 4.91
CA ASP A 11 20.27 -4.62 4.08
C ASP A 11 19.72 -4.63 2.66
N PHE A 12 18.38 -4.66 2.55
CA PHE A 12 17.72 -4.67 1.25
C PHE A 12 18.03 -3.42 0.45
N LEU A 13 17.85 -2.26 1.07
CA LEU A 13 18.05 -0.98 0.39
C LEU A 13 19.48 -0.85 -0.14
N LEU A 14 20.44 -1.23 0.70
CA LEU A 14 21.85 -1.16 0.30
C LEU A 14 22.17 -2.22 -0.77
N SER A 15 21.48 -3.34 -0.73
CA SER A 15 21.65 -4.36 -1.76
C SER A 15 21.11 -3.84 -3.10
N VAL A 16 20.01 -3.11 -3.07
CA VAL A 16 19.43 -2.56 -4.28
C VAL A 16 20.20 -1.34 -4.77
N ILE A 17 20.53 -0.43 -3.85
CA ILE A 17 21.36 0.72 -4.18
C ILE A 17 22.70 0.25 -4.75
N GLY A 18 23.32 -0.70 -4.05
CA GLY A 18 24.61 -1.24 -4.44
C GLY A 18 24.58 -1.81 -5.85
N PHE A 19 23.60 -2.66 -6.12
CA PHE A 19 23.45 -3.25 -7.44
C PHE A 19 23.17 -2.18 -8.49
N ALA A 20 22.23 -1.29 -8.20
CA ALA A 20 21.82 -0.28 -9.16
C ALA A 20 22.94 0.75 -9.42
N VAL A 21 23.72 1.07 -8.39
CA VAL A 21 24.79 2.04 -8.60
C VAL A 21 26.06 1.29 -8.96
N ASP A 22 26.46 1.44 -10.21
CA ASP A 22 27.54 0.66 -10.80
C ASP A 22 28.51 1.61 -11.49
N LEU A 23 29.48 1.07 -12.19
CA LEU A 23 30.51 1.90 -12.81
C LEU A 23 29.96 2.81 -13.93
N ALA A 24 28.85 2.41 -14.54
CA ALA A 24 28.25 3.20 -15.62
C ALA A 24 27.62 4.50 -15.10
N ASN A 25 27.34 4.55 -13.80
CA ASN A 25 26.93 5.80 -13.16
C ASN A 25 28.06 6.82 -13.24
N VAL A 26 29.27 6.32 -13.44
CA VAL A 26 30.47 7.16 -13.45
C VAL A 26 30.95 7.49 -14.86
N TRP A 27 31.33 6.50 -15.66
CA TRP A 27 31.86 6.87 -16.97
C TRP A 27 30.78 7.28 -17.98
N ARG A 28 29.67 6.55 -18.06
CA ARG A 28 28.73 6.78 -19.16
C ARG A 28 27.78 7.97 -18.98
N PHE A 29 27.20 8.15 -17.80
CA PHE A 29 26.21 9.21 -17.63
C PHE A 29 26.77 10.62 -17.85
N PRO A 30 27.90 10.99 -17.20
CA PRO A 30 28.42 12.33 -17.44
C PRO A 30 28.81 12.57 -18.90
N TYR A 31 29.25 11.52 -19.59
CA TYR A 31 29.62 11.66 -21.00
C TYR A 31 28.40 11.93 -21.87
N LEU A 32 27.30 11.25 -21.56
CA LEU A 32 26.07 11.45 -22.32
C LEU A 32 25.55 12.88 -22.17
N CYS A 33 25.70 13.46 -20.98
CA CYS A 33 25.32 14.85 -20.77
C CYS A 33 26.16 15.79 -21.62
N TYR A 34 27.48 15.60 -21.58
CA TYR A 34 28.41 16.43 -22.34
C TYR A 34 28.20 16.33 -23.85
N LYS A 35 27.97 15.10 -24.33
CA LYS A 35 27.80 14.86 -25.76
C LYS A 35 26.46 15.37 -26.28
N ASN A 36 25.44 15.22 -25.45
CA ASN A 36 24.05 15.57 -25.77
C ASN A 36 23.68 16.99 -25.35
N GLY A 37 24.69 17.76 -24.96
CA GLY A 37 24.47 19.16 -24.62
C GLY A 37 23.95 19.47 -23.23
N GLY A 38 24.56 18.82 -22.24
CA GLY A 38 24.48 19.27 -20.86
C GLY A 38 23.14 19.10 -20.19
N GLY A 39 22.75 20.09 -19.39
CA GLY A 39 21.52 20.04 -18.63
C GLY A 39 20.30 19.84 -19.52
N ALA A 40 20.48 20.10 -20.82
CA ALA A 40 19.44 19.85 -21.80
C ALA A 40 19.22 18.35 -22.01
N PHE A 41 20.21 17.55 -21.62
CA PHE A 41 20.07 16.11 -21.70
C PHE A 41 19.28 15.56 -20.51
N LEU A 42 19.19 16.34 -19.44
CA LEU A 42 18.43 15.92 -18.27
C LEU A 42 16.94 15.77 -18.63
N VAL A 43 16.48 16.54 -19.60
CA VAL A 43 15.09 16.46 -20.02
C VAL A 43 14.71 15.10 -20.62
N PRO A 44 15.39 14.64 -21.69
CA PRO A 44 15.00 13.31 -22.17
C PRO A 44 15.34 12.20 -21.17
N TYR A 45 16.42 12.41 -20.42
CA TYR A 45 16.83 11.48 -19.38
C TYR A 45 15.73 11.37 -18.32
N GLY A 46 15.36 12.52 -17.76
CA GLY A 46 14.32 12.57 -16.75
C GLY A 46 12.98 12.03 -17.23
N ILE A 47 12.66 12.31 -18.50
CA ILE A 47 11.41 11.83 -19.07
C ILE A 47 11.40 10.31 -19.20
N MET A 48 12.43 9.76 -19.85
CA MET A 48 12.51 8.30 -20.01
CA MET A 48 12.56 8.31 -20.01
C MET A 48 12.65 7.61 -18.66
N LEU A 49 13.32 8.27 -17.72
CA LEU A 49 13.43 7.74 -16.36
C LEU A 49 12.06 7.66 -15.73
N ALA A 50 11.26 8.71 -15.92
CA ALA A 50 9.96 8.81 -15.29
C ALA A 50 8.96 7.81 -15.86
N VAL A 51 8.79 7.81 -17.18
CA VAL A 51 7.84 6.90 -17.81
C VAL A 51 8.37 5.46 -18.01
N GLY A 52 9.55 5.30 -18.58
CA GLY A 52 10.13 3.97 -18.75
C GLY A 52 10.82 3.26 -17.59
N GLY A 53 11.77 3.95 -16.96
CA GLY A 53 12.67 3.29 -16.04
C GLY A 53 12.16 2.92 -14.66
N ILE A 54 11.60 3.91 -13.96
CA ILE A 54 11.14 3.71 -12.60
C ILE A 54 9.89 2.80 -12.52
N PRO A 55 8.90 2.97 -13.42
CA PRO A 55 7.79 2.01 -13.41
C PRO A 55 8.23 0.55 -13.53
N LEU A 56 9.15 0.27 -14.43
CA LEU A 56 9.62 -1.09 -14.63
C LEU A 56 10.51 -1.52 -13.47
N PHE A 57 11.26 -0.57 -12.92
CA PHE A 57 12.01 -0.79 -11.69
C PHE A 57 11.04 -1.15 -10.56
N TYR A 58 9.98 -0.36 -10.46
CA TYR A 58 8.90 -0.60 -9.49
C TYR A 58 8.26 -1.97 -9.70
N MET A 59 7.98 -2.29 -10.96
CA MET A 59 7.26 -3.52 -11.31
C MET A 59 7.96 -4.79 -10.84
N GLU A 60 9.27 -4.88 -11.06
CA GLU A 60 10.02 -6.07 -10.68
C GLU A 60 10.05 -6.26 -9.17
N LEU A 61 10.38 -5.18 -8.46
CA LEU A 61 10.43 -5.21 -7.01
C LEU A 61 9.08 -5.63 -6.42
N ALA A 62 7.99 -5.19 -7.05
CA ALA A 62 6.66 -5.57 -6.62
C ALA A 62 6.44 -7.07 -6.83
N LEU A 63 6.71 -7.52 -8.05
CA LEU A 63 6.57 -8.93 -8.41
C LEU A 63 7.41 -9.83 -7.52
N GLY A 64 8.66 -9.43 -7.31
CA GLY A 64 9.58 -10.19 -6.48
C GLY A 64 9.06 -10.37 -5.08
N GLN A 65 8.66 -9.27 -4.46
CA GLN A 65 8.18 -9.28 -3.09
C GLN A 65 6.89 -10.08 -2.94
N HIS A 66 6.03 -9.99 -3.97
CA HIS A 66 4.73 -10.64 -3.92
C HIS A 66 4.83 -12.15 -4.13
N ASN A 67 5.28 -12.54 -5.31
CA ASN A 67 5.35 -13.96 -5.66
C ASN A 67 6.39 -14.74 -4.84
N ARG A 68 7.25 -14.02 -4.12
CA ARG A 68 8.17 -14.63 -3.16
C ARG A 68 9.09 -15.69 -3.77
N LYS A 69 9.42 -15.55 -5.05
CA LYS A 69 10.23 -16.56 -5.74
C LYS A 69 11.28 -15.93 -6.65
N GLY A 70 12.28 -16.74 -7.02
CA GLY A 70 13.31 -16.32 -7.96
C GLY A 70 12.74 -16.09 -9.34
N ALA A 71 13.56 -15.54 -10.24
CA ALA A 71 13.07 -15.06 -11.53
C ALA A 71 12.42 -16.14 -12.40
N ILE A 72 12.95 -17.36 -12.33
CA ILE A 72 12.43 -18.45 -13.16
C ILE A 72 11.09 -18.96 -12.63
N THR A 73 11.03 -19.23 -11.34
CA THR A 73 9.83 -19.74 -10.70
C THR A 73 8.74 -18.66 -10.65
N CYS A 74 9.16 -17.41 -10.57
CA CYS A 74 8.23 -16.28 -10.50
C CYS A 74 7.34 -16.20 -11.73
N TRP A 75 7.96 -16.20 -12.91
CA TRP A 75 7.22 -16.08 -14.15
C TRP A 75 6.47 -17.37 -14.46
N GLY A 76 6.99 -18.48 -13.95
CA GLY A 76 6.31 -19.76 -14.09
C GLY A 76 4.97 -19.74 -13.39
N ARG A 77 4.95 -19.18 -12.18
CA ARG A 77 3.73 -19.08 -11.39
C ARG A 77 2.84 -17.93 -11.87
N LEU A 78 3.44 -16.92 -12.47
CA LEU A 78 2.69 -15.76 -12.93
C LEU A 78 1.97 -16.06 -14.24
N VAL A 79 2.75 -16.30 -15.29
CA VAL A 79 2.22 -16.68 -16.60
C VAL A 79 2.98 -17.91 -17.11
N PRO A 80 2.49 -19.11 -16.78
CA PRO A 80 3.14 -20.39 -17.09
C PRO A 80 3.59 -20.51 -18.55
N LEU A 81 2.86 -19.90 -19.47
CA LEU A 81 3.25 -19.87 -20.88
C LEU A 81 4.54 -19.08 -21.09
N PHE A 82 4.69 -18.00 -20.34
CA PHE A 82 5.79 -17.07 -20.47
C PHE A 82 6.96 -17.35 -19.53
N LYS A 83 6.92 -18.51 -18.86
CA LYS A 83 7.98 -18.89 -17.92
C LYS A 83 9.37 -18.74 -18.52
N GLY A 84 9.48 -18.84 -19.84
CA GLY A 84 10.72 -18.58 -20.54
C GLY A 84 11.35 -17.22 -20.26
N ILE A 85 10.52 -16.23 -19.93
CA ILE A 85 11.01 -14.90 -19.57
C ILE A 85 12.00 -14.98 -18.41
N GLY A 86 11.70 -15.83 -17.44
CA GLY A 86 12.57 -16.04 -16.30
C GLY A 86 13.84 -16.75 -16.73
N TYR A 87 13.74 -17.62 -17.73
CA TYR A 87 14.90 -18.31 -18.25
C TYR A 87 15.78 -17.35 -19.03
N ALA A 88 15.15 -16.57 -19.90
CA ALA A 88 15.88 -15.60 -20.73
C ALA A 88 16.63 -14.60 -19.88
N VAL A 89 15.95 -14.10 -18.85
CA VAL A 89 16.46 -13.00 -18.05
C VAL A 89 17.59 -13.46 -17.13
N VAL A 90 17.52 -14.71 -16.68
CA VAL A 90 18.53 -15.26 -15.78
C VAL A 90 19.86 -15.54 -16.48
N LEU A 91 19.79 -16.09 -17.69
CA LEU A 91 21.02 -16.44 -18.41
C LEU A 91 21.64 -15.22 -19.09
N ILE A 92 20.89 -14.11 -19.13
CA ILE A 92 21.49 -12.83 -19.53
C ILE A 92 22.48 -12.41 -18.45
N ALA A 93 22.02 -12.43 -17.20
CA ALA A 93 22.86 -12.13 -16.05
C ALA A 93 24.04 -13.09 -15.97
N PHE A 94 23.87 -14.28 -16.54
CA PHE A 94 24.93 -15.28 -16.60
C PHE A 94 26.03 -14.85 -17.57
N TYR A 95 25.63 -14.29 -18.71
CA TYR A 95 26.57 -13.82 -19.72
C TYR A 95 27.36 -12.60 -19.25
N VAL A 96 26.69 -11.72 -18.52
CA VAL A 96 27.31 -10.49 -18.03
C VAL A 96 28.46 -10.78 -17.08
N GLY A 97 28.35 -11.88 -16.32
CA GLY A 97 29.39 -12.26 -15.40
C GLY A 97 30.72 -12.57 -16.09
N PHE A 98 30.63 -13.06 -17.32
CA PHE A 98 31.81 -13.46 -18.09
C PHE A 98 32.65 -12.27 -18.56
N TYR A 99 32.12 -11.06 -18.40
CA TYR A 99 32.82 -9.86 -18.82
C TYR A 99 32.92 -8.85 -17.68
N TYR A 100 31.77 -8.42 -17.14
CA TYR A 100 31.71 -7.35 -16.15
C TYR A 100 32.71 -7.48 -15.00
N ASN A 101 32.93 -8.70 -14.53
CA ASN A 101 33.83 -8.93 -13.40
C ASN A 101 35.30 -8.58 -13.68
N VAL A 102 35.69 -8.61 -14.96
CA VAL A 102 37.07 -8.30 -15.31
C VAL A 102 37.36 -6.80 -15.10
N ILE A 103 36.31 -5.99 -15.05
CA ILE A 103 36.46 -4.56 -14.79
C ILE A 103 36.92 -4.32 -13.36
N ILE A 104 36.41 -5.13 -12.43
CA ILE A 104 36.83 -5.07 -11.05
C ILE A 104 38.27 -5.56 -10.92
N ALA A 105 38.62 -6.55 -11.75
CA ALA A 105 39.98 -7.10 -11.75
C ALA A 105 40.98 -6.04 -12.17
N TRP A 106 40.65 -5.27 -13.19
CA TRP A 106 41.48 -4.16 -13.64
C TRP A 106 41.62 -3.11 -12.54
N SER A 107 40.54 -2.87 -11.81
CA SER A 107 40.54 -1.91 -10.72
C SER A 107 41.50 -2.32 -9.62
N LEU A 108 41.44 -3.59 -9.22
CA LEU A 108 42.36 -4.12 -8.22
C LEU A 108 43.79 -4.11 -8.75
N ARG A 109 43.94 -4.27 -10.05
CA ARG A 109 45.25 -4.27 -10.68
C ARG A 109 45.92 -2.90 -10.60
N PHE A 110 45.15 -1.86 -10.92
CA PHE A 110 45.63 -0.48 -10.80
C PHE A 110 45.77 -0.09 -9.33
N PHE A 111 45.07 -0.79 -8.46
CA PHE A 111 45.18 -0.57 -7.03
C PHE A 111 46.49 -1.14 -6.50
N PHE A 112 46.80 -2.38 -6.88
CA PHE A 112 48.04 -3.02 -6.46
C PHE A 112 49.23 -2.31 -7.09
N ALA A 113 49.00 -1.65 -8.22
CA ALA A 113 50.04 -0.92 -8.92
C ALA A 113 50.17 0.51 -8.42
N SER A 114 49.30 0.88 -7.48
CA SER A 114 49.28 2.24 -6.96
C SER A 114 50.09 2.41 -5.68
N PHE A 115 50.78 1.37 -5.23
CA PHE A 115 51.64 1.57 -4.07
C PHE A 115 53.02 1.92 -4.58
N THR A 116 53.38 3.18 -4.42
CA THR A 116 54.62 3.75 -4.95
C THR A 116 54.64 5.25 -4.72
N ASN A 117 55.83 5.84 -4.81
CA ASN A 117 55.97 7.28 -4.74
C ASN A 117 55.66 7.91 -6.09
N SER A 118 55.99 7.20 -7.16
CA SER A 118 55.76 7.69 -8.52
C SER A 118 54.91 6.73 -9.34
N LEU A 119 53.74 7.20 -9.75
CA LEU A 119 52.81 6.40 -10.53
C LEU A 119 53.40 6.05 -11.89
N PRO A 120 53.35 4.76 -12.26
CA PRO A 120 54.05 4.26 -13.45
C PRO A 120 53.50 4.83 -14.77
N TRP A 121 52.27 5.31 -14.77
CA TRP A 121 51.64 5.79 -15.99
C TRP A 121 51.91 7.27 -16.24
N THR A 122 52.73 7.90 -15.41
CA THR A 122 53.03 9.31 -15.59
C THR A 122 53.87 9.61 -16.83
N SER A 123 55.00 8.93 -16.98
CA SER A 123 55.95 9.33 -18.02
C SER A 123 56.00 8.42 -19.25
N CYS A 124 56.77 8.86 -20.25
CA CYS A 124 56.96 8.16 -21.51
C CYS A 124 58.26 7.36 -21.65
N ASN A 125 59.10 7.37 -20.63
CA ASN A 125 60.44 6.79 -20.76
C ASN A 125 60.56 5.32 -20.32
N ASN A 126 59.44 4.68 -20.04
CA ASN A 126 59.49 3.27 -19.61
C ASN A 126 59.67 2.28 -20.76
N ILE A 127 59.77 0.99 -20.41
CA ILE A 127 60.10 -0.04 -21.38
C ILE A 127 58.93 -0.40 -22.27
N TRP A 128 57.72 -0.15 -21.79
CA TRP A 128 56.52 -0.48 -22.55
C TRP A 128 56.11 0.65 -23.48
N ASN A 129 56.81 1.76 -23.40
CA ASN A 129 56.49 2.94 -24.21
C ASN A 129 57.04 2.86 -25.63
N THR A 130 56.33 3.48 -26.57
CA THR A 130 56.80 3.59 -27.95
C THR A 130 57.40 4.99 -28.17
N PRO A 131 57.96 5.26 -29.37
CA PRO A 131 58.42 6.63 -29.65
C PRO A 131 57.28 7.63 -29.73
N ASN A 132 56.07 7.14 -29.95
CA ASN A 132 54.93 8.02 -30.21
C ASN A 132 54.20 8.45 -28.94
N CYS A 133 54.67 7.98 -27.78
CA CYS A 133 54.05 8.37 -26.52
C CYS A 133 54.09 9.88 -26.31
N ARG A 134 52.96 10.44 -25.91
CA ARG A 134 52.84 11.84 -25.56
C ARG A 134 52.47 11.92 -24.08
N PRO A 135 52.78 13.03 -23.41
CA PRO A 135 52.45 13.11 -21.99
C PRO A 135 50.95 12.97 -21.70
N PHE A 136 50.08 13.58 -22.52
CA PHE A 136 48.64 13.46 -22.33
C PHE A 136 47.88 13.28 -23.64
N GLU A 137 46.56 13.14 -23.56
CA GLU A 137 45.73 12.79 -24.72
C GLU A 137 45.84 13.79 -25.87
N GLY A 138 45.46 13.35 -27.06
CA GLY A 138 45.51 14.18 -28.26
C GLY A 138 44.58 13.66 -29.33
N HIS A 139 44.64 14.27 -30.52
CA HIS A 139 43.76 13.91 -31.63
C HIS A 139 44.27 12.70 -32.39
N VAL A 140 45.45 12.86 -32.99
CA VAL A 140 46.04 11.82 -33.83
C VAL A 140 46.14 10.49 -33.10
N GLU A 141 45.68 9.42 -33.76
CA GLU A 141 45.50 8.12 -33.12
C GLU A 141 46.77 7.27 -33.08
N GLY A 142 47.77 7.65 -33.88
CA GLY A 142 49.02 6.93 -33.86
C GLY A 142 49.90 7.31 -32.69
N PHE A 143 49.46 8.32 -31.94
CA PHE A 143 50.25 8.84 -30.84
C PHE A 143 49.41 8.86 -29.56
N GLN A 144 49.79 8.03 -28.60
CA GLN A 144 48.99 7.86 -27.40
C GLN A 144 49.61 8.59 -26.22
N SER A 145 48.94 8.56 -25.08
CA SER A 145 49.45 9.21 -23.90
C SER A 145 50.23 8.23 -23.04
N ALA A 146 50.82 8.72 -21.96
CA ALA A 146 51.59 7.88 -21.09
C ALA A 146 50.67 6.97 -20.28
N ALA A 147 49.44 7.43 -20.06
CA ALA A 147 48.44 6.63 -19.36
C ALA A 147 47.83 5.58 -20.29
N SER A 148 47.66 5.95 -21.55
CA SER A 148 47.09 5.04 -22.54
C SER A 148 48.05 3.89 -22.86
N GLU A 149 49.33 4.21 -23.06
CA GLU A 149 50.31 3.19 -23.36
C GLU A 149 50.59 2.31 -22.14
N TYR A 150 50.42 2.86 -20.94
CA TYR A 150 50.58 2.07 -19.74
C TYR A 150 49.45 1.04 -19.62
N PHE A 151 48.23 1.49 -19.89
CA PHE A 151 47.07 0.61 -19.81
C PHE A 151 47.10 -0.47 -20.90
N ASN A 152 47.36 -0.05 -22.14
CA ASN A 152 47.35 -0.99 -23.25
C ASN A 152 48.60 -1.86 -23.34
N ARG A 153 49.79 -1.26 -23.25
CA ARG A 153 51.01 -2.00 -23.51
C ARG A 153 51.62 -2.67 -22.29
N TYR A 154 51.14 -2.32 -21.10
CA TYR A 154 51.67 -2.93 -19.88
C TYR A 154 50.63 -3.79 -19.17
N ILE A 155 49.56 -3.16 -18.70
CA ILE A 155 48.51 -3.88 -17.99
C ILE A 155 47.83 -4.91 -18.89
N LEU A 156 47.28 -4.48 -20.01
CA LEU A 156 46.57 -5.37 -20.93
C LEU A 156 47.49 -6.18 -21.85
N GLU A 157 48.57 -5.56 -22.32
CA GLU A 157 49.39 -6.09 -23.42
C GLU A 157 48.54 -6.39 -24.66
N LEU A 158 47.61 -5.50 -24.93
CA LEU A 158 46.72 -5.63 -26.08
C LEU A 158 47.49 -5.42 -27.38
N ASN A 159 48.66 -4.79 -27.30
CA ASN A 159 49.48 -4.56 -28.48
C ASN A 159 50.05 -5.85 -29.04
N ARG A 160 50.10 -6.88 -28.19
CA ARG A 160 50.64 -8.18 -28.57
C ARG A 160 49.61 -9.08 -29.24
N SER A 161 48.38 -8.58 -29.42
CA SER A 161 47.31 -9.37 -30.00
C SER A 161 46.72 -8.75 -31.26
N GLU A 162 46.57 -9.57 -32.30
CA GLU A 162 46.16 -9.08 -33.61
C GLU A 162 44.64 -9.08 -33.78
N GLY A 163 43.93 -9.59 -32.77
CA GLY A 163 42.48 -9.65 -32.84
C GLY A 163 41.89 -10.64 -31.86
N ILE A 164 40.60 -10.91 -32.00
CA ILE A 164 39.91 -11.83 -31.09
C ILE A 164 40.19 -13.28 -31.49
N HIS A 165 40.74 -13.47 -32.68
CA HIS A 165 41.12 -14.81 -33.13
C HIS A 165 42.43 -15.23 -32.48
N ASP A 166 43.27 -14.26 -32.15
CA ASP A 166 44.50 -14.54 -31.43
C ASP A 166 44.44 -13.93 -30.03
N LEU A 167 44.27 -14.79 -29.03
CA LEU A 167 44.20 -14.34 -27.64
C LEU A 167 45.58 -14.14 -27.05
N GLY A 168 46.53 -14.97 -27.46
CA GLY A 168 47.89 -14.88 -26.96
C GLY A 168 48.03 -15.57 -25.62
N ALA A 169 49.09 -15.24 -24.89
CA ALA A 169 49.37 -15.93 -23.64
C ALA A 169 48.41 -15.50 -22.54
N ILE A 170 48.54 -16.11 -21.38
CA ILE A 170 47.72 -15.75 -20.22
C ILE A 170 48.53 -14.94 -19.24
N LYS A 171 47.97 -13.83 -18.79
CA LYS A 171 48.63 -12.97 -17.83
C LYS A 171 48.19 -13.35 -16.42
N TRP A 172 49.14 -13.84 -15.62
CA TRP A 172 48.81 -14.45 -14.34
C TRP A 172 48.59 -13.43 -13.21
N ASP A 173 49.08 -12.21 -13.37
CA ASP A 173 48.79 -11.19 -12.36
C ASP A 173 47.36 -10.70 -12.55
N MET A 174 46.84 -10.84 -13.77
CA MET A 174 45.44 -10.54 -14.03
C MET A 174 44.54 -11.67 -13.57
N ALA A 175 44.96 -12.90 -13.84
CA ALA A 175 44.24 -14.08 -13.40
C ALA A 175 44.17 -14.10 -11.88
N LEU A 176 45.26 -13.66 -11.24
CA LEU A 176 45.29 -13.56 -9.79
C LEU A 176 44.31 -12.51 -9.30
N CYS A 177 44.24 -11.39 -10.03
CA CYS A 177 43.30 -10.33 -9.68
C CYS A 177 41.86 -10.81 -9.87
N LEU A 178 41.61 -11.52 -10.96
CA LEU A 178 40.28 -12.04 -11.25
C LEU A 178 39.89 -13.09 -10.22
N LEU A 179 40.84 -13.92 -9.82
CA LEU A 179 40.60 -14.93 -8.80
C LEU A 179 40.23 -14.29 -7.48
N ILE A 180 40.99 -13.25 -7.10
CA ILE A 180 40.71 -12.49 -5.89
C ILE A 180 39.28 -11.96 -5.89
N VAL A 181 38.85 -11.45 -7.05
CA VAL A 181 37.50 -10.93 -7.21
C VAL A 181 36.46 -12.00 -6.90
N TYR A 182 36.64 -13.19 -7.47
CA TYR A 182 35.68 -14.26 -7.28
C TYR A 182 35.75 -14.87 -5.88
N LEU A 183 36.87 -14.68 -5.19
CA LEU A 183 36.98 -15.08 -3.78
C LEU A 183 36.15 -14.14 -2.91
N ILE A 184 36.23 -12.84 -3.20
CA ILE A 184 35.43 -11.84 -2.52
C ILE A 184 33.95 -12.10 -2.76
N CYS A 185 33.61 -12.37 -4.02
CA CYS A 185 32.23 -12.65 -4.39
C CYS A 185 31.74 -13.95 -3.77
N TYR A 186 32.64 -14.93 -3.64
CA TYR A 186 32.23 -16.19 -3.05
C TYR A 186 31.87 -15.99 -1.59
N PHE A 187 32.81 -15.46 -0.80
CA PHE A 187 32.63 -15.38 0.65
C PHE A 187 31.58 -14.35 1.05
N SER A 188 31.07 -13.61 0.07
CA SER A 188 29.91 -12.75 0.26
C SER A 188 28.61 -13.53 0.08
N LEU A 189 28.40 -14.08 -1.11
CA LEU A 189 27.16 -14.77 -1.45
C LEU A 189 27.13 -16.23 -1.01
N TRP A 190 28.20 -16.67 -0.36
CA TRP A 190 28.39 -18.06 0.07
C TRP A 190 27.26 -18.55 0.99
N LYS A 191 27.01 -17.81 2.06
CA LYS A 191 26.03 -18.22 3.06
C LYS A 191 24.63 -17.62 2.83
N GLY A 192 24.46 -16.86 1.76
CA GLY A 192 23.18 -16.24 1.47
C GLY A 192 23.08 -14.78 1.88
N ILE A 193 21.87 -14.25 1.93
CA ILE A 193 21.63 -12.83 2.21
C ILE A 193 21.90 -12.44 3.66
N SER A 194 22.19 -13.43 4.50
CA SER A 194 22.57 -13.19 5.89
C SER A 194 23.88 -12.41 5.95
N THR A 195 24.91 -12.94 5.30
CA THR A 195 26.19 -12.25 5.18
C THR A 195 26.15 -11.18 4.09
N SER A 196 25.54 -11.52 2.96
CA SER A 196 25.42 -10.62 1.81
C SER A 196 24.77 -9.29 2.19
N GLY A 197 23.72 -9.37 3.00
CA GLY A 197 23.01 -8.18 3.42
C GLY A 197 23.86 -7.21 4.21
N LYS A 198 24.70 -7.73 5.09
CA LYS A 198 25.61 -6.87 5.86
C LYS A 198 26.90 -6.48 5.11
N VAL A 199 27.34 -7.32 4.18
CA VAL A 199 28.52 -6.99 3.37
C VAL A 199 28.31 -5.70 2.57
N VAL A 200 27.13 -5.55 1.97
CA VAL A 200 26.85 -4.42 1.11
C VAL A 200 26.84 -3.09 1.88
N TRP A 201 26.92 -3.17 3.21
CA TRP A 201 27.07 -1.96 4.02
C TRP A 201 28.37 -1.25 3.65
N PHE A 202 29.36 -2.02 3.21
CA PHE A 202 30.62 -1.44 2.78
C PHE A 202 30.57 -1.07 1.30
N THR A 203 30.42 -2.08 0.46
CA THR A 203 30.48 -1.91 -1.00
C THR A 203 29.54 -0.83 -1.56
N ALA A 204 28.38 -0.66 -0.93
CA ALA A 204 27.43 0.38 -1.35
C ALA A 204 27.80 1.76 -0.79
N LEU A 205 28.22 1.80 0.46
CA LEU A 205 28.51 3.07 1.13
C LEU A 205 29.87 3.67 0.79
N PHE A 206 30.90 2.82 0.73
CA PHE A 206 32.27 3.29 0.52
C PHE A 206 32.49 4.20 -0.71
N PRO A 207 31.87 3.87 -1.87
CA PRO A 207 32.05 4.79 -3.01
C PRO A 207 31.56 6.21 -2.73
N TYR A 208 30.58 6.37 -1.86
CA TYR A 208 30.07 7.69 -1.54
C TYR A 208 31.07 8.48 -0.69
N ALA A 209 31.82 7.76 0.15
CA ALA A 209 32.90 8.38 0.90
C ALA A 209 33.93 8.95 -0.07
N VAL A 210 34.41 8.10 -0.98
CA VAL A 210 35.42 8.47 -1.95
C VAL A 210 34.93 9.58 -2.89
N LEU A 211 33.65 9.50 -3.28
CA LEU A 211 33.05 10.51 -4.15
C LEU A 211 33.16 11.91 -3.55
N LEU A 212 32.81 12.04 -2.27
CA LEU A 212 32.86 13.34 -1.59
C LEU A 212 34.29 13.88 -1.55
N ILE A 213 35.24 13.00 -1.24
CA ILE A 213 36.65 13.38 -1.20
C ILE A 213 37.13 13.85 -2.58
N LEU A 214 36.77 13.10 -3.61
CA LEU A 214 37.18 13.43 -4.96
C LEU A 214 36.38 14.60 -5.52
N LEU A 215 35.22 14.86 -4.94
CA LEU A 215 34.41 16.01 -5.35
C LEU A 215 35.06 17.30 -4.87
N ILE A 216 35.44 17.32 -3.59
CA ILE A 216 36.06 18.50 -3.00
C ILE A 216 37.44 18.75 -3.61
N ARG A 217 38.25 17.70 -3.70
CA ARG A 217 39.56 17.77 -4.35
C ARG A 217 39.43 18.20 -5.80
N GLY A 218 38.36 17.73 -6.46
CA GLY A 218 38.12 18.06 -7.85
C GLY A 218 37.69 19.50 -8.07
N LEU A 219 36.86 20.01 -7.18
CA LEU A 219 36.32 21.37 -7.31
C LEU A 219 37.29 22.45 -6.85
N THR A 220 38.28 22.08 -6.05
CA THR A 220 39.30 23.02 -5.60
C THR A 220 40.48 23.08 -6.58
N LEU A 221 40.37 22.34 -7.68
CA LEU A 221 41.36 22.40 -8.75
C LEU A 221 41.12 23.60 -9.64
N PRO A 222 42.21 24.24 -10.10
CA PRO A 222 42.08 25.35 -11.07
C PRO A 222 41.45 24.89 -12.38
N GLY A 223 40.46 25.62 -12.86
CA GLY A 223 39.80 25.28 -14.10
C GLY A 223 38.68 24.26 -13.94
N SER A 224 38.34 23.95 -12.69
CA SER A 224 37.30 22.97 -12.41
C SER A 224 35.94 23.45 -12.93
N PHE A 225 35.68 24.75 -12.81
CA PHE A 225 34.42 25.31 -13.28
C PHE A 225 34.30 25.22 -14.80
N LEU A 226 35.44 25.26 -15.48
CA LEU A 226 35.47 25.15 -16.93
C LEU A 226 34.94 23.78 -17.36
N GLY A 227 35.26 22.77 -16.58
CA GLY A 227 34.76 21.42 -16.84
C GLY A 227 33.28 21.34 -16.60
N ILE A 228 32.83 21.86 -15.46
CA ILE A 228 31.42 21.89 -15.12
C ILE A 228 30.62 22.58 -16.22
N GLN A 229 31.23 23.57 -16.86
CA GLN A 229 30.61 24.23 -18.00
C GLN A 229 30.33 23.22 -19.10
N TYR A 230 31.38 22.53 -19.56
CA TYR A 230 31.22 21.53 -20.62
C TYR A 230 30.24 20.43 -20.23
N TYR A 231 30.25 20.08 -18.96
CA TYR A 231 29.34 19.08 -18.43
C TYR A 231 27.88 19.50 -18.54
N LEU A 232 27.51 20.60 -17.88
CA LEU A 232 26.11 20.99 -17.78
C LEU A 232 25.57 22.07 -18.72
N THR A 233 26.42 22.65 -19.58
CA THR A 233 25.97 23.78 -20.39
C THR A 233 24.85 23.37 -21.34
N PRO A 234 23.66 23.94 -21.14
CA PRO A 234 22.50 23.51 -21.91
C PRO A 234 22.61 23.84 -23.39
N ASN A 235 22.40 22.85 -24.24
CA ASN A 235 22.18 23.08 -25.65
C ASN A 235 20.98 22.24 -26.05
N PHE A 236 19.88 22.90 -26.41
CA PHE A 236 18.62 22.20 -26.57
C PHE A 236 18.42 21.74 -28.01
N SER A 237 19.42 21.97 -28.85
CA SER A 237 19.36 21.51 -30.23
C SER A 237 19.45 19.99 -30.28
N ALA A 238 20.04 19.41 -29.24
CA ALA A 238 20.29 17.97 -29.20
C ALA A 238 19.05 17.18 -28.78
N ILE A 239 18.01 17.88 -28.33
CA ILE A 239 16.79 17.20 -27.92
C ILE A 239 16.07 16.62 -29.14
N TYR A 240 16.29 17.22 -30.30
CA TYR A 240 15.52 16.88 -31.50
C TYR A 240 16.01 15.62 -32.19
N LYS A 241 17.25 15.22 -31.92
CA LYS A 241 17.82 14.05 -32.59
C LYS A 241 17.25 12.76 -31.98
N ALA A 242 17.14 11.73 -32.81
CA ALA A 242 16.52 10.47 -32.42
C ALA A 242 17.38 9.64 -31.47
N GLU A 243 18.65 9.49 -31.79
CA GLU A 243 19.50 8.57 -31.04
C GLU A 243 19.91 9.13 -29.67
N VAL A 244 19.66 10.42 -29.46
CA VAL A 244 19.80 11.01 -28.14
C VAL A 244 18.79 10.39 -27.18
N TRP A 245 17.53 10.34 -27.63
CA TRP A 245 16.47 9.69 -26.86
C TRP A 245 16.72 8.20 -26.73
N VAL A 246 17.37 7.62 -27.74
CA VAL A 246 17.79 6.23 -27.66
C VAL A 246 18.85 6.08 -26.58
N ASP A 247 19.78 7.03 -26.53
CA ASP A 247 20.84 7.03 -25.52
C ASP A 247 20.28 7.22 -24.12
N ALA A 248 19.34 8.16 -23.99
CA ALA A 248 18.69 8.40 -22.71
C ALA A 248 17.92 7.17 -22.25
N ALA A 249 17.30 6.47 -23.19
CA ALA A 249 16.51 5.30 -22.86
C ALA A 249 17.39 4.14 -22.40
N THR A 250 18.42 3.82 -23.20
CA THR A 250 19.24 2.64 -22.92
C THR A 250 20.06 2.81 -21.62
N GLN A 251 20.42 4.05 -21.31
CA GLN A 251 21.19 4.33 -20.10
C GLN A 251 20.36 4.08 -18.86
N VAL A 252 19.14 4.63 -18.86
CA VAL A 252 18.21 4.50 -17.74
C VAL A 252 17.91 3.04 -17.43
N PHE A 253 17.78 2.22 -18.47
CA PHE A 253 17.44 0.82 -18.27
C PHE A 253 18.61 -0.02 -17.79
N PHE A 254 19.82 0.32 -18.23
CA PHE A 254 21.00 -0.40 -17.76
C PHE A 254 21.33 0.05 -16.34
N SER A 255 21.16 1.34 -16.07
CA SER A 255 21.50 1.93 -14.79
C SER A 255 20.63 1.41 -13.64
N LEU A 256 19.31 1.43 -13.82
CA LEU A 256 18.40 0.93 -12.80
C LEU A 256 18.39 -0.60 -12.74
N GLY A 257 18.88 -1.22 -13.81
CA GLY A 257 19.00 -2.66 -13.87
C GLY A 257 17.77 -3.54 -13.76
N PRO A 258 16.62 -3.13 -14.34
CA PRO A 258 15.57 -4.15 -14.41
C PRO A 258 15.85 -5.12 -15.55
N GLY A 259 15.29 -6.32 -15.50
CA GLY A 259 15.43 -7.27 -16.58
C GLY A 259 16.63 -8.19 -16.46
N PHE A 260 17.37 -8.06 -15.36
CA PHE A 260 18.42 -9.04 -15.05
C PHE A 260 17.95 -10.11 -14.07
N GLY A 261 16.71 -9.97 -13.60
CA GLY A 261 16.18 -10.86 -12.57
C GLY A 261 16.71 -10.57 -11.18
N VAL A 262 17.51 -9.51 -11.07
CA VAL A 262 18.15 -9.14 -9.81
C VAL A 262 17.18 -8.52 -8.82
N LEU A 263 16.38 -7.57 -9.31
CA LEU A 263 15.39 -6.90 -8.49
C LEU A 263 14.33 -7.88 -7.99
N LEU A 264 14.05 -8.88 -8.83
CA LEU A 264 13.08 -9.92 -8.50
C LEU A 264 13.56 -10.75 -7.31
N ALA A 265 14.78 -11.27 -7.41
CA ALA A 265 15.35 -12.09 -6.36
C ALA A 265 15.50 -11.32 -5.06
N TYR A 266 16.03 -10.11 -5.14
CA TYR A 266 16.23 -9.27 -3.96
C TYR A 266 14.91 -8.99 -3.24
N ALA A 267 13.87 -8.71 -4.00
CA ALA A 267 12.56 -8.44 -3.42
C ALA A 267 11.91 -9.70 -2.87
N SER A 268 12.30 -10.86 -3.41
CA SER A 268 11.71 -12.13 -2.98
C SER A 268 12.01 -12.44 -1.51
N TYR A 269 13.02 -11.79 -0.96
CA TYR A 269 13.38 -11.99 0.43
C TYR A 269 12.73 -10.95 1.34
N ASN A 270 11.96 -10.05 0.75
CA ASN A 270 11.21 -9.06 1.53
C ASN A 270 9.97 -9.68 2.19
N LYS A 271 9.58 -9.11 3.33
CA LYS A 271 8.34 -9.50 3.97
C LYS A 271 7.16 -8.93 3.21
N TYR A 272 6.07 -9.70 3.17
CA TYR A 272 4.94 -9.43 2.29
C TYR A 272 4.37 -8.01 2.39
N HIS A 273 4.32 -7.48 3.62
CA HIS A 273 3.68 -6.18 3.84
C HIS A 273 4.65 -5.00 3.87
N ASN A 274 5.92 -5.27 3.60
CA ASN A 274 6.91 -4.21 3.44
C ASN A 274 6.48 -3.23 2.36
N ASN A 275 6.81 -1.95 2.50
CA ASN A 275 6.37 -1.00 1.50
C ASN A 275 7.43 -0.90 0.44
N VAL A 276 7.13 -1.45 -0.73
CA VAL A 276 8.09 -1.59 -1.80
C VAL A 276 8.00 -0.39 -2.75
N TYR A 277 6.96 0.40 -2.57
CA TYR A 277 6.75 1.58 -3.40
C TYR A 277 7.65 2.71 -2.93
N LYS A 278 7.78 2.83 -1.60
CA LYS A 278 8.67 3.82 -1.01
C LYS A 278 10.12 3.46 -1.31
N ASP A 279 10.40 2.16 -1.37
CA ASP A 279 11.74 1.68 -1.68
C ASP A 279 12.13 1.93 -3.13
N ALA A 280 11.22 1.65 -4.05
CA ALA A 280 11.49 1.83 -5.48
C ALA A 280 11.73 3.30 -5.79
N LEU A 281 10.95 4.18 -5.18
CA LEU A 281 11.12 5.62 -5.38
C LEU A 281 12.44 6.09 -4.77
N LEU A 282 12.73 5.64 -3.56
CA LEU A 282 13.93 6.06 -2.84
C LEU A 282 15.17 5.64 -3.60
N THR A 283 15.25 4.36 -3.93
CA THR A 283 16.38 3.79 -4.66
C THR A 283 16.59 4.42 -6.04
N SER A 284 15.51 4.59 -6.79
CA SER A 284 15.58 5.20 -8.11
C SER A 284 16.21 6.57 -8.06
N PHE A 285 15.81 7.36 -7.07
CA PHE A 285 16.33 8.71 -6.89
C PHE A 285 17.82 8.68 -6.56
N ILE A 286 18.19 7.87 -5.58
CA ILE A 286 19.57 7.79 -5.13
C ILE A 286 20.51 7.41 -6.27
N ASN A 287 20.09 6.47 -7.11
CA ASN A 287 20.91 6.04 -8.24
C ASN A 287 21.20 7.17 -9.22
N SER A 288 20.14 7.87 -9.64
CA SER A 288 20.29 8.98 -10.58
C SER A 288 21.08 10.12 -9.93
N ALA A 289 20.80 10.36 -8.66
CA ALA A 289 21.50 11.39 -7.89
C ALA A 289 23.00 11.13 -7.87
N THR A 290 23.39 9.87 -7.68
CA THR A 290 24.80 9.50 -7.67
C THR A 290 25.44 9.79 -9.02
N SER A 291 24.72 9.48 -10.10
CA SER A 291 25.20 9.76 -11.45
C SER A 291 25.44 11.25 -11.65
N PHE A 292 24.51 12.06 -11.18
CA PHE A 292 24.60 13.51 -11.29
C PHE A 292 25.82 14.04 -10.55
N ILE A 293 26.05 13.52 -9.33
CA ILE A 293 27.17 13.94 -8.52
C ILE A 293 28.51 13.55 -9.16
N ALA A 294 28.60 12.29 -9.59
CA ALA A 294 29.82 11.77 -10.20
C ALA A 294 30.22 12.57 -11.43
N GLY A 295 29.23 13.14 -12.11
CA GLY A 295 29.47 14.01 -13.24
C GLY A 295 30.39 15.17 -12.89
N PHE A 296 30.13 15.79 -11.74
CA PHE A 296 30.97 16.89 -11.29
C PHE A 296 32.35 16.38 -10.92
N VAL A 297 32.40 15.18 -10.35
CA VAL A 297 33.65 14.54 -9.96
C VAL A 297 34.55 14.34 -11.18
N ILE A 298 33.95 13.86 -12.27
CA ILE A 298 34.70 13.62 -13.50
C ILE A 298 35.09 14.92 -14.21
N PHE A 299 34.12 15.81 -14.40
CA PHE A 299 34.37 17.00 -15.23
C PHE A 299 35.10 18.14 -14.52
N SER A 300 35.09 18.17 -13.19
CA SER A 300 35.91 19.16 -12.49
C SER A 300 37.36 18.87 -12.78
N VAL A 301 37.70 17.58 -12.76
CA VAL A 301 39.04 17.12 -13.11
C VAL A 301 39.29 17.27 -14.61
N LEU A 302 38.29 16.94 -15.42
CA LEU A 302 38.39 17.11 -16.86
C LEU A 302 38.65 18.56 -17.23
N GLY A 303 38.13 19.48 -16.43
CA GLY A 303 38.37 20.89 -16.65
C GLY A 303 39.79 21.27 -16.25
N TYR A 304 40.23 20.76 -15.11
CA TYR A 304 41.59 20.99 -14.62
C TYR A 304 42.64 20.55 -15.64
N MET A 305 42.37 19.46 -16.35
CA MET A 305 43.26 18.98 -17.39
C MET A 305 43.28 19.93 -18.58
N ALA A 306 42.10 20.40 -18.98
CA ALA A 306 42.02 21.32 -20.11
C ALA A 306 42.73 22.64 -19.81
N HIS A 307 42.51 23.17 -18.60
CA HIS A 307 43.12 24.44 -18.24
C HIS A 307 44.63 24.39 -17.97
N THR A 308 45.06 23.55 -17.03
CA THR A 308 46.48 23.53 -16.67
C THR A 308 47.37 22.52 -17.39
N LEU A 309 46.79 21.52 -18.05
CA LEU A 309 47.62 20.50 -18.69
C LEU A 309 47.79 20.72 -20.19
N GLY A 310 47.16 21.77 -20.71
CA GLY A 310 47.30 22.11 -22.12
C GLY A 310 46.78 21.04 -23.05
N VAL A 311 45.65 20.44 -22.69
CA VAL A 311 44.97 19.49 -23.56
C VAL A 311 43.57 20.04 -23.82
N ARG A 312 42.92 19.56 -24.87
CA ARG A 312 41.59 20.03 -25.18
C ARG A 312 40.52 19.04 -24.73
N ILE A 313 39.39 19.59 -24.29
CA ILE A 313 38.36 18.82 -23.61
C ILE A 313 37.82 17.66 -24.44
N GLU A 314 37.88 17.79 -25.77
CA GLU A 314 37.29 16.78 -26.65
C GLU A 314 38.07 15.49 -26.52
N ASP A 315 39.38 15.61 -26.28
CA ASP A 315 40.27 14.46 -26.22
C ASP A 315 40.22 13.72 -24.88
N VAL A 316 39.95 14.44 -23.79
CA VAL A 316 39.88 13.82 -22.47
C VAL A 316 38.47 13.44 -22.01
N ALA A 317 37.46 13.80 -22.80
CA ALA A 317 36.10 13.46 -22.41
C ALA A 317 35.71 12.16 -23.07
N THR A 318 35.57 11.12 -22.24
CA THR A 318 35.43 9.76 -22.76
C THR A 318 34.45 8.98 -21.91
N GLU A 319 33.95 7.89 -22.47
CA GLU A 319 33.14 6.94 -21.72
C GLU A 319 33.90 5.63 -21.59
N GLY A 320 33.31 4.66 -20.91
CA GLY A 320 33.91 3.35 -20.80
C GLY A 320 35.19 3.34 -20.00
N PRO A 321 35.87 2.18 -19.97
CA PRO A 321 37.12 2.01 -19.22
C PRO A 321 38.24 2.99 -19.63
N GLY A 322 38.12 3.58 -20.81
CA GLY A 322 39.10 4.55 -21.26
C GLY A 322 39.19 5.73 -20.31
N LEU A 323 38.03 6.14 -19.78
CA LEU A 323 37.95 7.26 -18.86
C LEU A 323 38.60 6.95 -17.52
N VAL A 324 38.23 5.83 -16.92
CA VAL A 324 38.66 5.51 -15.57
C VAL A 324 40.08 4.92 -15.47
N PHE A 325 40.51 4.19 -16.50
CA PHE A 325 41.83 3.57 -16.46
C PHE A 325 42.94 4.34 -17.17
N VAL A 326 42.59 5.43 -17.84
CA VAL A 326 43.57 6.19 -18.60
C VAL A 326 43.50 7.67 -18.31
N VAL A 327 42.39 8.29 -18.71
CA VAL A 327 42.25 9.75 -18.63
C VAL A 327 42.25 10.26 -17.18
N TYR A 328 41.40 9.70 -16.33
CA TYR A 328 41.33 10.15 -14.95
C TYR A 328 42.60 9.86 -14.14
N PRO A 329 43.24 8.68 -14.32
CA PRO A 329 44.53 8.50 -13.62
C PRO A 329 45.62 9.45 -14.09
N ALA A 330 45.51 9.94 -15.32
CA ALA A 330 46.49 10.87 -15.86
C ALA A 330 46.49 12.17 -15.05
N ALA A 331 45.30 12.68 -14.75
CA ALA A 331 45.15 13.91 -14.00
C ALA A 331 45.60 13.75 -12.56
N ILE A 332 45.15 12.68 -11.92
CA ILE A 332 45.55 12.36 -10.55
C ILE A 332 47.06 12.41 -10.38
N ALA A 333 47.77 11.85 -11.36
CA ALA A 333 49.22 11.80 -11.32
C ALA A 333 49.86 13.19 -11.19
N THR A 334 49.24 14.19 -11.81
CA THR A 334 49.80 15.54 -11.82
C THR A 334 49.63 16.25 -10.47
N MET A 335 48.42 16.21 -9.93
CA MET A 335 48.10 16.93 -8.70
C MET A 335 48.86 16.38 -7.49
N PRO A 336 49.08 17.23 -6.47
CA PRO A 336 49.81 16.84 -5.25
C PRO A 336 49.12 15.71 -4.48
N ALA A 337 49.92 14.88 -3.82
CA ALA A 337 49.43 13.70 -3.08
C ALA A 337 48.72 12.73 -4.01
N SER A 338 49.28 12.57 -5.20
CA SER A 338 48.71 11.71 -6.24
C SER A 338 48.43 10.29 -5.77
N THR A 339 49.35 9.74 -4.98
CA THR A 339 49.25 8.35 -4.53
C THR A 339 47.98 8.10 -3.72
N PHE A 340 47.51 9.12 -3.02
CA PHE A 340 46.32 8.96 -2.20
C PHE A 340 45.04 8.93 -3.03
N TRP A 341 44.94 9.85 -4.00
CA TRP A 341 43.75 9.93 -4.83
C TRP A 341 43.60 8.67 -5.68
N ALA A 342 44.72 8.22 -6.25
CA ALA A 342 44.73 7.01 -7.07
C ALA A 342 44.22 5.81 -6.28
N LEU A 343 44.71 5.67 -5.05
CA LEU A 343 44.35 4.54 -4.20
C LEU A 343 42.85 4.47 -3.86
N ILE A 344 42.24 5.62 -3.54
CA ILE A 344 40.82 5.62 -3.22
C ILE A 344 39.95 5.55 -4.47
N PHE A 345 40.48 6.05 -5.59
CA PHE A 345 39.74 6.02 -6.85
C PHE A 345 39.57 4.58 -7.35
N PHE A 346 40.66 3.84 -7.38
CA PHE A 346 40.62 2.46 -7.87
C PHE A 346 39.92 1.55 -6.87
N MET A 347 39.93 1.94 -5.60
CA MET A 347 39.18 1.21 -4.60
C MET A 347 37.69 1.51 -4.77
N MET A 348 37.37 2.74 -5.16
CA MET A 348 35.98 3.11 -5.41
C MET A 348 35.43 2.36 -6.61
N LEU A 349 36.23 2.26 -7.68
CA LEU A 349 35.82 1.57 -8.90
C LEU A 349 35.51 0.11 -8.60
N ALA A 350 36.29 -0.50 -7.72
CA ALA A 350 36.08 -1.89 -7.33
C ALA A 350 34.75 -2.07 -6.59
N THR A 351 34.54 -1.26 -5.55
CA THR A 351 33.34 -1.37 -4.72
C THR A 351 32.09 -0.92 -5.47
N LEU A 352 32.28 -0.21 -6.58
CA LEU A 352 31.16 0.13 -7.45
C LEU A 352 30.77 -1.09 -8.28
N GLY A 353 31.77 -1.90 -8.64
CA GLY A 353 31.51 -3.09 -9.42
C GLY A 353 30.96 -4.24 -8.60
N LEU A 354 31.52 -4.45 -7.41
CA LEU A 354 31.23 -5.64 -6.61
C LEU A 354 29.75 -5.81 -6.27
N ASP A 355 29.16 -4.79 -5.64
CA ASP A 355 27.77 -4.81 -5.23
C ASP A 355 26.83 -5.04 -6.42
N SER A 356 27.26 -4.61 -7.60
CA SER A 356 26.52 -4.88 -8.83
C SER A 356 26.66 -6.35 -9.21
N SER A 357 27.87 -6.87 -9.09
CA SER A 357 28.15 -8.25 -9.46
C SER A 357 27.36 -9.19 -8.56
N PHE A 358 27.35 -8.90 -7.26
CA PHE A 358 26.61 -9.68 -6.27
C PHE A 358 25.18 -9.92 -6.73
N GLY A 359 24.51 -8.84 -7.13
CA GLY A 359 23.14 -8.91 -7.57
C GLY A 359 22.94 -9.80 -8.79
N GLY A 360 23.84 -9.68 -9.75
CA GLY A 360 23.78 -10.50 -10.95
C GLY A 360 23.87 -11.97 -10.60
N MET A 361 24.82 -12.30 -9.72
CA MET A 361 25.03 -13.69 -9.34
C MET A 361 23.91 -14.19 -8.43
N GLU A 362 23.47 -13.35 -7.49
CA GLU A 362 22.36 -13.72 -6.62
C GLU A 362 21.10 -13.99 -7.41
N ALA A 363 20.93 -13.26 -8.52
CA ALA A 363 19.78 -13.46 -9.40
C ALA A 363 19.78 -14.86 -9.99
N ILE A 364 20.99 -15.37 -10.27
CA ILE A 364 21.15 -16.71 -10.81
C ILE A 364 20.94 -17.77 -9.73
N ILE A 365 21.59 -17.59 -8.60
CA ILE A 365 21.53 -18.55 -7.50
C ILE A 365 20.11 -18.71 -6.98
N THR A 366 19.48 -17.60 -6.63
CA THR A 366 18.12 -17.62 -6.09
C THR A 366 17.13 -18.23 -7.07
N ALA A 367 17.30 -17.93 -8.35
CA ALA A 367 16.42 -18.47 -9.38
C ALA A 367 16.56 -19.99 -9.50
N LEU A 368 17.80 -20.47 -9.44
CA LEU A 368 18.06 -21.90 -9.56
C LEU A 368 17.74 -22.65 -8.26
N SER A 369 17.89 -21.95 -7.13
CA SER A 369 17.54 -22.53 -5.84
C SER A 369 16.05 -22.84 -5.77
N ASP A 370 15.23 -21.89 -6.21
CA ASP A 370 13.78 -22.03 -6.13
C ASP A 370 13.25 -23.08 -7.09
N GLU A 371 13.95 -23.30 -8.20
CA GLU A 371 13.55 -24.33 -9.16
C GLU A 371 13.95 -25.72 -8.69
N PHE A 372 15.20 -25.86 -8.25
CA PHE A 372 15.72 -27.15 -7.83
C PHE A 372 16.09 -27.16 -6.36
N PRO A 373 15.34 -27.92 -5.55
CA PRO A 373 15.59 -28.04 -4.10
C PRO A 373 16.97 -28.59 -3.78
N LYS A 374 17.54 -29.35 -4.73
CA LYS A 374 18.85 -29.96 -4.54
C LYS A 374 19.95 -28.91 -4.37
N ILE A 375 19.75 -27.74 -4.97
CA ILE A 375 20.74 -26.68 -4.93
C ILE A 375 20.74 -25.90 -3.60
N LYS A 376 19.55 -25.68 -3.02
CA LYS A 376 19.45 -24.85 -1.83
C LYS A 376 20.21 -25.40 -0.62
N ARG A 377 20.08 -26.70 -0.35
CA ARG A 377 20.79 -27.31 0.76
C ARG A 377 22.28 -27.40 0.45
N ASN A 378 22.59 -27.51 -0.84
CA ASN A 378 23.96 -27.64 -1.33
C ASN A 378 24.61 -26.32 -1.73
N ARG A 379 23.94 -25.21 -1.43
CA ARG A 379 24.24 -23.89 -2.01
C ARG A 379 25.72 -23.50 -2.04
N GLU A 380 26.44 -23.75 -0.94
CA GLU A 380 27.85 -23.41 -0.89
C GLU A 380 28.66 -24.20 -1.93
N LEU A 381 28.26 -25.44 -2.20
CA LEU A 381 28.95 -26.26 -3.19
C LEU A 381 28.59 -25.81 -4.60
N PHE A 382 27.37 -25.32 -4.77
CA PHE A 382 26.91 -24.87 -6.08
C PHE A 382 27.62 -23.60 -6.54
N VAL A 383 27.62 -22.59 -5.68
CA VAL A 383 28.25 -21.31 -6.02
C VAL A 383 29.75 -21.47 -6.18
N ALA A 384 30.32 -22.47 -5.52
CA ALA A 384 31.74 -22.79 -5.68
C ALA A 384 31.99 -23.28 -7.09
N GLY A 385 31.09 -24.13 -7.58
CA GLY A 385 31.22 -24.66 -8.93
C GLY A 385 30.91 -23.62 -9.98
N LEU A 386 29.95 -22.77 -9.67
CA LEU A 386 29.53 -21.71 -10.60
C LEU A 386 30.66 -20.72 -10.86
N PHE A 387 31.32 -20.30 -9.79
CA PHE A 387 32.42 -19.34 -9.90
C PHE A 387 33.65 -20.04 -10.48
N SER A 388 33.75 -21.34 -10.23
CA SER A 388 34.80 -22.15 -10.83
C SER A 388 34.66 -22.07 -12.34
N LEU A 389 33.42 -22.17 -12.81
CA LEU A 389 33.13 -22.03 -14.24
C LEU A 389 33.50 -20.64 -14.73
N TYR A 390 33.13 -19.63 -13.95
CA TYR A 390 33.42 -18.24 -14.27
C TYR A 390 34.92 -17.99 -14.41
N PHE A 391 35.69 -18.45 -13.43
CA PHE A 391 37.13 -18.21 -13.45
C PHE A 391 37.80 -18.92 -14.62
N VAL A 392 37.40 -20.17 -14.88
CA VAL A 392 38.01 -20.93 -15.96
C VAL A 392 37.72 -20.27 -17.31
N VAL A 393 36.46 -19.95 -17.57
CA VAL A 393 36.11 -19.22 -18.79
C VAL A 393 36.68 -17.81 -18.73
N GLY A 394 36.73 -17.24 -17.53
CA GLY A 394 37.24 -15.90 -17.34
C GLY A 394 38.73 -15.77 -17.58
N LEU A 395 39.42 -16.90 -17.73
CA LEU A 395 40.84 -16.88 -18.05
C LEU A 395 41.05 -16.34 -19.45
N ALA A 396 40.03 -16.44 -20.30
CA ALA A 396 40.07 -15.88 -21.64
C ALA A 396 40.11 -14.35 -21.59
N SER A 397 39.57 -13.79 -20.51
CA SER A 397 39.56 -12.35 -20.31
C SER A 397 40.93 -11.86 -19.83
N CYS A 398 41.71 -12.79 -19.30
CA CYS A 398 43.02 -12.46 -18.73
C CYS A 398 44.14 -12.64 -19.75
N THR A 399 43.78 -12.99 -20.98
CA THR A 399 44.79 -13.15 -22.03
C THR A 399 45.23 -11.80 -22.56
N GLN A 400 46.14 -11.82 -23.53
CA GLN A 400 46.69 -10.60 -24.10
C GLN A 400 45.70 -9.95 -25.06
N GLY A 401 44.83 -10.77 -25.64
CA GLY A 401 43.77 -10.26 -26.49
C GLY A 401 42.47 -10.20 -25.71
N GLY A 402 42.60 -10.33 -24.39
CA GLY A 402 41.45 -10.42 -23.50
C GLY A 402 40.44 -9.31 -23.65
N PHE A 403 40.92 -8.11 -23.96
CA PHE A 403 40.05 -6.96 -24.12
C PHE A 403 39.09 -7.17 -25.29
N TYR A 404 39.58 -7.80 -26.36
CA TYR A 404 38.75 -8.08 -27.53
C TYR A 404 37.61 -9.00 -27.14
N PHE A 405 37.88 -9.93 -26.23
CA PHE A 405 36.86 -10.80 -25.66
C PHE A 405 35.90 -9.97 -24.82
N PHE A 406 36.45 -9.07 -24.02
CA PHE A 406 35.65 -8.19 -23.18
C PHE A 406 34.73 -7.30 -24.01
N HIS A 407 35.30 -6.64 -25.01
CA HIS A 407 34.55 -5.71 -25.84
C HIS A 407 33.42 -6.40 -26.60
N LEU A 408 33.63 -7.67 -26.94
CA LEU A 408 32.61 -8.46 -27.62
C LEU A 408 31.40 -8.67 -26.71
N LEU A 409 31.66 -9.12 -25.49
CA LEU A 409 30.58 -9.37 -24.54
C LEU A 409 29.95 -8.08 -24.04
N ASP A 410 30.77 -7.04 -23.92
CA ASP A 410 30.31 -5.74 -23.45
C ASP A 410 29.18 -5.18 -24.30
N ARG A 411 29.07 -5.69 -25.52
CA ARG A 411 28.07 -5.24 -26.49
C ARG A 411 26.90 -6.21 -26.59
N TYR A 412 27.19 -7.43 -27.01
CA TYR A 412 26.14 -8.40 -27.36
C TYR A 412 25.47 -9.13 -26.18
N ALA A 413 26.21 -9.39 -25.10
CA ALA A 413 25.70 -10.19 -23.99
C ALA A 413 24.44 -9.60 -23.35
N ALA A 414 24.32 -8.28 -23.43
CA ALA A 414 23.25 -7.53 -22.79
C ALA A 414 22.92 -6.38 -23.70
N GLY A 415 22.17 -5.40 -23.21
CA GLY A 415 21.65 -4.39 -24.11
C GLY A 415 20.35 -4.93 -24.65
N TYR A 416 20.04 -4.66 -25.91
CA TYR A 416 18.66 -4.79 -26.38
C TYR A 416 18.09 -6.21 -26.24
N SER A 417 18.94 -7.18 -25.94
CA SER A 417 18.45 -8.45 -25.39
C SER A 417 17.67 -8.19 -24.11
N ILE A 418 18.19 -7.31 -23.26
CA ILE A 418 17.51 -6.88 -22.02
C ILE A 418 16.21 -6.15 -22.33
N LEU A 419 16.17 -5.44 -23.45
CA LEU A 419 15.03 -4.59 -23.77
C LEU A 419 13.82 -5.39 -24.22
N VAL A 420 14.05 -6.48 -24.96
CA VAL A 420 12.94 -7.30 -25.44
C VAL A 420 12.41 -8.20 -24.33
N ALA A 421 13.27 -8.53 -23.37
CA ALA A 421 12.86 -9.32 -22.22
C ALA A 421 11.98 -8.47 -21.31
N VAL A 422 12.41 -7.23 -21.10
CA VAL A 422 11.65 -6.28 -20.30
C VAL A 422 10.35 -5.90 -20.99
N PHE A 423 10.40 -5.78 -22.32
CA PHE A 423 9.21 -5.54 -23.12
C PHE A 423 8.16 -6.61 -22.84
N PHE A 424 8.58 -7.86 -22.92
CA PHE A 424 7.69 -8.98 -22.63
C PHE A 424 7.27 -9.00 -21.16
N GLU A 425 8.15 -8.50 -20.28
CA GLU A 425 7.82 -8.41 -18.86
C GLU A 425 6.61 -7.51 -18.63
N ALA A 426 6.53 -6.40 -19.36
CA ALA A 426 5.42 -5.47 -19.21
C ALA A 426 4.16 -6.02 -19.87
N ILE A 427 4.31 -6.61 -21.06
CA ILE A 427 3.18 -7.16 -21.80
C ILE A 427 2.55 -8.33 -21.05
N ALA A 428 3.40 -9.18 -20.47
CA ALA A 428 2.93 -10.36 -19.75
C ALA A 428 2.12 -9.98 -18.52
N VAL A 429 2.62 -9.03 -17.75
CA VAL A 429 1.96 -8.61 -16.52
C VAL A 429 0.65 -7.88 -16.84
N SER A 430 0.75 -6.87 -17.70
CA SER A 430 -0.39 -6.02 -18.01
C SER A 430 -1.49 -6.68 -18.85
N TRP A 431 -1.11 -7.28 -19.97
CA TRP A 431 -2.10 -7.78 -20.92
C TRP A 431 -2.48 -9.25 -20.77
N ILE A 432 -1.77 -9.98 -19.91
CA ILE A 432 -2.06 -11.40 -19.73
C ILE A 432 -2.46 -11.66 -18.28
N TYR A 433 -1.53 -11.42 -17.36
CA TYR A 433 -1.83 -11.49 -15.94
C TYR A 433 -2.87 -10.43 -15.59
N GLY A 434 -2.76 -9.28 -16.25
CA GLY A 434 -3.71 -8.19 -16.10
C GLY A 434 -3.25 -7.12 -15.14
N THR A 435 -3.63 -5.87 -15.44
CA THR A 435 -3.23 -4.74 -14.60
C THR A 435 -4.11 -4.68 -13.36
N ASN A 436 -5.38 -5.04 -13.54
CA ASN A 436 -6.31 -5.05 -12.43
C ASN A 436 -5.91 -6.06 -11.37
N ARG A 437 -5.46 -7.23 -11.82
CA ARG A 437 -5.10 -8.28 -10.87
C ARG A 437 -3.75 -7.97 -10.22
N PHE A 438 -2.89 -7.28 -10.96
CA PHE A 438 -1.59 -6.90 -10.43
C PHE A 438 -1.74 -5.77 -9.41
N SER A 439 -2.57 -4.79 -9.73
CA SER A 439 -2.85 -3.69 -8.81
C SER A 439 -3.47 -4.21 -7.51
N GLU A 440 -4.30 -5.24 -7.63
CA GLU A 440 -4.93 -5.88 -6.49
C GLU A 440 -3.88 -6.55 -5.59
N ASP A 441 -2.86 -7.12 -6.22
CA ASP A 441 -1.77 -7.76 -5.48
C ASP A 441 -1.03 -6.78 -4.60
N ILE A 442 -0.75 -5.61 -5.15
CA ILE A 442 0.02 -4.58 -4.46
C ILE A 442 -0.80 -3.97 -3.31
N ARG A 443 -2.10 -3.83 -3.53
CA ARG A 443 -3.01 -3.37 -2.48
C ARG A 443 -2.96 -4.30 -1.26
N ASP A 444 -2.88 -5.59 -1.50
CA ASP A 444 -2.82 -6.56 -0.42
C ASP A 444 -1.51 -6.41 0.35
N MET A 445 -0.46 -6.01 -0.35
CA MET A 445 0.86 -5.89 0.26
C MET A 445 1.06 -4.57 1.01
N ILE A 446 1.06 -3.45 0.28
CA ILE A 446 1.35 -2.15 0.88
C ILE A 446 0.10 -1.35 1.27
N GLY A 447 -1.08 -1.92 1.06
CA GLY A 447 -2.31 -1.31 1.55
C GLY A 447 -3.05 -0.41 0.57
N PHE A 448 -2.39 -0.04 -0.53
CA PHE A 448 -3.04 0.80 -1.54
C PHE A 448 -2.60 0.40 -2.95
N PRO A 449 -3.51 0.54 -3.92
CA PRO A 449 -3.21 0.22 -5.32
C PRO A 449 -2.35 1.30 -5.96
N PRO A 450 -1.60 0.93 -7.02
CA PRO A 450 -0.79 1.91 -7.77
C PRO A 450 -1.67 2.96 -8.43
N GLY A 451 -1.21 4.22 -8.44
CA GLY A 451 -1.94 5.27 -9.13
C GLY A 451 -2.08 4.89 -10.59
N ARG A 452 -3.10 5.42 -11.26
CA ARG A 452 -3.35 5.03 -12.64
C ARG A 452 -2.20 5.44 -13.55
N TYR A 453 -1.40 6.40 -13.09
CA TYR A 453 -0.20 6.81 -13.81
C TYR A 453 0.76 5.63 -13.98
N TRP A 454 0.88 4.81 -12.95
CA TRP A 454 1.77 3.65 -13.01
C TRP A 454 1.20 2.57 -13.91
N GLN A 455 -0.12 2.39 -13.85
CA GLN A 455 -0.80 1.38 -14.66
C GLN A 455 -0.66 1.68 -16.14
N VAL A 456 -0.83 2.95 -16.52
CA VAL A 456 -0.69 3.37 -17.91
C VAL A 456 0.71 3.11 -18.42
N CYS A 457 1.71 3.39 -17.59
CA CYS A 457 3.10 3.21 -17.97
C CYS A 457 3.42 1.74 -18.22
N TRP A 458 2.97 0.86 -17.35
CA TRP A 458 3.19 -0.58 -17.51
C TRP A 458 2.46 -1.12 -18.75
N ARG A 459 1.23 -0.66 -18.96
CA ARG A 459 0.39 -1.17 -20.04
C ARG A 459 0.70 -0.58 -21.42
N PHE A 460 0.93 0.73 -21.48
CA PHE A 460 1.07 1.43 -22.75
C PHE A 460 2.46 2.02 -22.97
N VAL A 461 2.82 2.99 -22.13
CA VAL A 461 4.00 3.82 -22.33
C VAL A 461 5.32 3.03 -22.43
N ALA A 462 5.58 2.17 -21.45
CA ALA A 462 6.83 1.42 -21.45
C ALA A 462 6.96 0.47 -22.66
N PRO A 463 5.92 -0.32 -22.97
CA PRO A 463 6.07 -1.16 -24.17
C PRO A 463 6.33 -0.37 -25.45
N ILE A 464 5.69 0.79 -25.59
CA ILE A 464 5.87 1.60 -26.78
C ILE A 464 7.28 2.19 -26.85
N PHE A 465 7.70 2.83 -25.78
CA PHE A 465 9.02 3.46 -25.73
C PHE A 465 10.15 2.45 -25.62
N LEU A 466 9.80 1.18 -25.44
CA LEU A 466 10.76 0.09 -25.58
C LEU A 466 10.81 -0.33 -27.04
N LEU A 467 9.68 -0.83 -27.54
CA LEU A 467 9.56 -1.30 -28.91
C LEU A 467 10.06 -0.31 -29.95
N PHE A 468 9.71 0.96 -29.81
CA PHE A 468 10.17 1.96 -30.78
C PHE A 468 11.68 2.16 -30.68
N ILE A 469 12.19 2.29 -29.46
CA ILE A 469 13.60 2.56 -29.25
C ILE A 469 14.47 1.34 -29.56
N THR A 470 13.96 0.14 -29.27
CA THR A 470 14.71 -1.07 -29.57
C THR A 470 14.76 -1.32 -31.07
N VAL A 471 13.80 -0.75 -31.80
CA VAL A 471 13.78 -0.85 -33.26
C VAL A 471 14.76 0.13 -33.89
N TYR A 472 14.79 1.36 -33.37
CA TYR A 472 15.69 2.38 -33.90
C TYR A 472 17.16 2.03 -33.64
N GLY A 473 17.39 1.18 -32.65
CA GLY A 473 18.73 0.72 -32.35
C GLY A 473 19.24 -0.27 -33.38
N LEU A 474 18.32 -1.05 -33.95
CA LEU A 474 18.66 -2.02 -34.98
C LEU A 474 18.98 -1.35 -36.31
N ILE A 475 18.42 -0.17 -36.52
CA ILE A 475 18.66 0.57 -37.76
C ILE A 475 20.01 1.26 -37.74
N GLY A 476 20.38 1.80 -36.58
CA GLY A 476 21.66 2.46 -36.41
C GLY A 476 22.79 1.48 -36.15
N TYR A 477 22.51 0.19 -36.35
CA TYR A 477 23.49 -0.87 -36.11
C TYR A 477 24.65 -0.83 -37.10
N GLU A 478 25.85 -1.06 -36.58
CA GLU A 478 27.04 -1.22 -37.41
C GLU A 478 27.90 -2.34 -36.81
N PRO A 479 28.55 -3.15 -37.66
CA PRO A 479 29.41 -4.25 -37.21
C PRO A 479 30.44 -3.82 -36.17
N LEU A 480 30.64 -4.67 -35.17
CA LEU A 480 31.52 -4.35 -34.04
C LEU A 480 32.96 -4.11 -34.46
N THR A 481 33.49 -2.97 -34.03
CA THR A 481 34.89 -2.60 -34.29
C THR A 481 35.48 -1.94 -33.05
N TYR A 482 36.76 -2.20 -32.78
CA TYR A 482 37.46 -1.49 -31.72
C TYR A 482 38.71 -0.83 -32.27
N ALA A 483 38.82 0.49 -32.07
CA ALA A 483 39.89 1.30 -32.63
C ALA A 483 40.03 1.03 -34.13
N ASP A 484 41.24 0.66 -34.55
CA ASP A 484 41.49 0.39 -35.96
C ASP A 484 41.07 -1.03 -36.32
N TYR A 485 40.85 -1.85 -35.30
CA TYR A 485 40.54 -3.26 -35.50
C TYR A 485 39.07 -3.50 -35.82
N VAL A 486 38.84 -4.17 -36.94
CA VAL A 486 37.49 -4.57 -37.32
C VAL A 486 37.29 -6.04 -37.01
N TYR A 487 36.33 -6.33 -36.13
CA TYR A 487 36.00 -7.71 -35.79
C TYR A 487 35.55 -8.47 -37.03
N PRO A 488 35.99 -9.73 -37.16
CA PRO A 488 35.53 -10.57 -38.27
C PRO A 488 34.05 -10.84 -38.11
N SER A 489 33.36 -11.16 -39.20
CA SER A 489 31.92 -11.34 -39.10
C SER A 489 31.56 -12.69 -38.49
N TRP A 490 32.53 -13.57 -38.29
CA TRP A 490 32.27 -14.79 -37.53
C TRP A 490 32.19 -14.42 -36.05
N ALA A 491 32.90 -13.37 -35.66
CA ALA A 491 32.85 -12.87 -34.29
C ALA A 491 31.51 -12.20 -34.03
N ASN A 492 31.02 -11.43 -35.01
CA ASN A 492 29.71 -10.80 -34.91
C ASN A 492 28.58 -11.83 -34.83
N ALA A 493 28.78 -12.97 -35.47
CA ALA A 493 27.79 -14.05 -35.43
C ALA A 493 27.76 -14.69 -34.05
N LEU A 494 28.93 -14.84 -33.43
CA LEU A 494 29.02 -15.40 -32.09
C LEU A 494 28.32 -14.50 -31.08
N GLY A 495 28.36 -13.20 -31.33
CA GLY A 495 27.73 -12.22 -30.45
C GLY A 495 26.22 -12.29 -30.52
N TRP A 496 25.69 -12.55 -31.71
CA TRP A 496 24.25 -12.68 -31.89
C TRP A 496 23.74 -14.00 -31.32
N CYS A 497 24.57 -15.04 -31.40
CA CYS A 497 24.23 -16.32 -30.82
C CYS A 497 24.17 -16.19 -29.30
N ILE A 498 24.98 -15.28 -28.76
CA ILE A 498 24.95 -14.97 -27.33
C ILE A 498 23.72 -14.11 -26.99
N ALA A 499 23.50 -13.07 -27.79
CA ALA A 499 22.38 -12.16 -27.59
C ALA A 499 21.07 -12.87 -27.85
N GLY A 500 21.07 -13.76 -28.83
CA GLY A 500 19.87 -14.47 -29.21
C GLY A 500 19.49 -15.61 -28.29
N SER A 501 20.49 -16.34 -27.78
CA SER A 501 20.25 -17.52 -26.95
C SER A 501 19.35 -17.23 -25.76
N SER A 502 19.42 -16.00 -25.25
CA SER A 502 18.57 -15.59 -24.14
C SER A 502 17.15 -15.34 -24.64
N VAL A 503 17.01 -14.35 -25.52
CA VAL A 503 15.73 -13.96 -26.09
C VAL A 503 14.91 -15.13 -26.64
N VAL A 504 15.56 -16.06 -27.33
CA VAL A 504 14.83 -17.18 -27.94
C VAL A 504 14.20 -18.10 -26.90
N MET A 505 14.54 -17.90 -25.64
CA MET A 505 13.93 -18.68 -24.57
C MET A 505 12.47 -18.28 -24.34
N ILE A 506 12.10 -17.08 -24.76
CA ILE A 506 10.70 -16.66 -24.66
C ILE A 506 9.82 -17.57 -25.53
N PRO A 507 10.08 -17.64 -26.87
CA PRO A 507 9.24 -18.58 -27.62
C PRO A 507 9.55 -20.05 -27.34
N ALA A 508 10.80 -20.37 -26.98
CA ALA A 508 11.19 -21.76 -26.75
C ALA A 508 10.32 -22.43 -25.70
N VAL A 509 10.41 -21.95 -24.46
CA VAL A 509 9.63 -22.50 -23.35
C VAL A 509 8.13 -22.31 -23.61
N ALA A 510 7.78 -21.27 -24.38
CA ALA A 510 6.39 -21.06 -24.75
C ALA A 510 5.89 -22.18 -25.66
N ILE A 511 6.64 -22.48 -26.72
CA ILE A 511 6.27 -23.52 -27.66
C ILE A 511 6.39 -24.91 -27.01
N PHE A 512 7.43 -25.09 -26.20
CA PHE A 512 7.65 -26.36 -25.52
C PHE A 512 6.50 -26.72 -24.58
N LYS A 513 6.20 -25.83 -23.65
CA LYS A 513 5.17 -26.09 -22.63
C LYS A 513 3.78 -26.12 -23.24
N LEU A 514 3.63 -25.50 -24.41
CA LEU A 514 2.35 -25.41 -25.06
C LEU A 514 1.98 -26.78 -25.61
N LEU A 515 2.92 -27.40 -26.33
CA LEU A 515 2.72 -28.73 -26.88
C LEU A 515 2.72 -29.81 -25.80
N SER A 516 3.32 -29.50 -24.65
CA SER A 516 3.45 -30.47 -23.56
C SER A 516 2.15 -30.65 -22.76
N THR A 517 1.27 -29.66 -22.81
CA THR A 517 0.01 -29.69 -22.07
C THR A 517 -1.15 -30.35 -22.86
N PRO A 518 -2.08 -31.05 -22.17
CA PRO A 518 -3.23 -31.79 -22.70
C PRO A 518 -4.45 -30.97 -23.10
N GLY A 519 -5.30 -31.56 -23.95
CA GLY A 519 -6.52 -30.93 -24.44
C GLY A 519 -6.45 -30.38 -25.86
N SER A 520 -7.45 -29.56 -26.24
CA SER A 520 -7.44 -28.81 -27.51
C SER A 520 -6.59 -27.57 -27.37
N LEU A 521 -6.64 -26.67 -28.36
CA LEU A 521 -5.74 -25.52 -28.41
C LEU A 521 -6.10 -24.39 -27.45
N ARG A 522 -7.37 -24.00 -27.36
CA ARG A 522 -7.66 -22.78 -26.61
C ARG A 522 -7.77 -23.01 -25.08
N GLN A 523 -8.04 -24.22 -24.61
CA GLN A 523 -7.84 -24.45 -23.18
C GLN A 523 -6.36 -24.56 -22.81
N ARG A 524 -5.51 -24.72 -23.82
CA ARG A 524 -4.08 -24.61 -23.58
C ARG A 524 -3.78 -23.23 -23.08
N PHE A 525 -4.19 -22.25 -23.90
CA PHE A 525 -3.96 -20.84 -23.62
C PHE A 525 -4.46 -20.50 -22.22
N THR A 526 -5.69 -20.91 -21.91
CA THR A 526 -6.27 -20.65 -20.59
C THR A 526 -5.46 -21.31 -19.48
N ILE A 527 -5.12 -22.59 -19.66
CA ILE A 527 -4.34 -23.33 -18.67
C ILE A 527 -3.00 -22.64 -18.40
N LEU A 528 -2.38 -22.12 -19.45
CA LEU A 528 -1.09 -21.45 -19.31
C LEU A 528 -1.22 -19.95 -19.06
N THR A 529 -2.44 -19.42 -19.16
CA THR A 529 -2.69 -18.01 -18.83
C THR A 529 -3.21 -17.88 -17.39
N THR A 530 -3.44 -19.01 -16.72
CA THR A 530 -3.87 -18.97 -15.33
C THR A 530 -2.68 -18.91 -14.38
N PRO A 531 -2.74 -18.00 -13.41
CA PRO A 531 -1.70 -17.85 -12.38
C PRO A 531 -1.57 -19.10 -11.53
N TRP A 532 -0.68 -19.06 -10.53
CA TRP A 532 -0.26 -20.28 -9.84
C TRP A 532 -1.40 -21.08 -9.22
N ARG A 533 -1.98 -20.59 -8.13
CA ARG A 533 -3.07 -21.33 -7.49
C ARG A 533 -4.48 -20.85 -7.84
N ASP A 534 -4.58 -19.83 -8.68
CA ASP A 534 -5.88 -19.34 -9.15
C ASP A 534 -6.58 -20.38 -10.00
N GLU B 1 -6.36 -10.17 18.94
CA GLU B 1 -6.75 -8.96 18.24
C GLU B 1 -6.23 -7.72 18.94
N ASN B 2 -6.18 -6.61 18.21
CA ASN B 2 -5.70 -5.36 18.76
C ASN B 2 -6.88 -4.54 19.29
N VAL B 3 -6.99 -4.46 20.61
CA VAL B 3 -8.17 -3.84 21.21
C VAL B 3 -7.95 -2.34 21.41
N LEU B 4 -8.88 -1.55 20.88
CA LEU B 4 -8.85 -0.10 21.04
C LEU B 4 -9.83 0.32 22.12
N THR B 5 -9.33 0.95 23.18
CA THR B 5 -10.19 1.43 24.25
C THR B 5 -10.28 2.95 24.21
N GLN B 6 -11.50 3.45 24.13
CA GLN B 6 -11.72 4.90 24.08
C GLN B 6 -12.24 5.43 25.41
N SER B 7 -11.76 6.61 25.77
CA SER B 7 -12.21 7.29 26.98
C SER B 7 -12.36 8.78 26.72
N PRO B 8 -13.36 9.42 27.36
CA PRO B 8 -14.33 8.74 28.23
C PRO B 8 -15.41 8.04 27.44
N ALA B 9 -16.28 7.32 28.14
CA ALA B 9 -17.38 6.61 27.47
C ALA B 9 -18.47 7.59 27.08
N ILE B 10 -18.81 8.48 28.01
CA ILE B 10 -19.77 9.54 27.75
C ILE B 10 -19.16 10.88 28.16
N MET B 11 -19.47 11.93 27.41
CA MET B 11 -18.89 13.24 27.62
C MET B 11 -19.95 14.32 27.37
N SER B 12 -20.05 15.29 28.30
CA SER B 12 -21.03 16.36 28.16
C SER B 12 -20.36 17.71 28.01
N THR B 13 -20.81 18.49 27.04
CA THR B 13 -20.14 19.74 26.71
C THR B 13 -21.11 20.87 26.40
N SER B 14 -20.78 22.07 26.86
CA SER B 14 -21.48 23.27 26.44
C SER B 14 -20.92 23.71 25.09
N PRO B 15 -21.79 24.20 24.20
CA PRO B 15 -21.34 24.73 22.90
C PRO B 15 -20.24 25.78 23.06
N GLY B 16 -19.26 25.75 22.16
CA GLY B 16 -18.17 26.69 22.20
C GLY B 16 -16.96 26.21 22.96
N GLU B 17 -17.16 25.24 23.85
CA GLU B 17 -16.05 24.70 24.62
C GLU B 17 -15.21 23.80 23.73
N LYS B 18 -14.12 23.26 24.28
CA LYS B 18 -13.33 22.31 23.53
C LYS B 18 -13.42 20.95 24.20
N VAL B 19 -13.37 19.89 23.39
CA VAL B 19 -13.35 18.54 23.91
C VAL B 19 -12.18 17.76 23.36
N THR B 20 -11.71 16.82 24.15
CA THR B 20 -10.71 15.87 23.71
C THR B 20 -11.18 14.48 24.15
N MET B 21 -11.04 13.52 23.24
CA MET B 21 -11.33 12.13 23.56
C MET B 21 -10.14 11.29 23.10
N THR B 22 -9.82 10.24 23.84
CA THR B 22 -8.59 9.49 23.55
C THR B 22 -8.88 8.08 23.08
N CYS B 23 -7.92 7.52 22.33
CA CYS B 23 -8.01 6.17 21.79
C CYS B 23 -6.73 5.42 22.10
N ARG B 24 -6.81 4.35 22.89
CA ARG B 24 -5.61 3.60 23.27
C ARG B 24 -5.62 2.17 22.72
N ALA B 25 -4.56 1.84 21.99
CA ALA B 25 -4.41 0.49 21.42
C ALA B 25 -3.55 -0.39 22.30
N SER B 26 -3.90 -1.67 22.40
CA SER B 26 -3.12 -2.61 23.20
C SER B 26 -1.76 -2.82 22.53
N SER B 27 -1.79 -3.11 21.24
CA SER B 27 -0.56 -3.17 20.45
C SER B 27 -0.35 -1.82 19.76
N SER B 28 0.77 -1.68 19.06
CA SER B 28 1.09 -0.42 18.42
C SER B 28 0.43 -0.31 17.05
N VAL B 29 -0.09 0.87 16.75
CA VAL B 29 -0.73 1.13 15.46
C VAL B 29 0.06 2.17 14.66
N GLY B 30 0.41 1.83 13.42
CA GLY B 30 1.04 2.78 12.54
C GLY B 30 0.16 4.00 12.38
N SER B 31 0.77 5.19 12.37
CA SER B 31 0.02 6.44 12.34
C SER B 31 -0.81 6.56 11.07
N SER B 32 -0.30 5.99 9.99
CA SER B 32 -0.99 6.05 8.71
C SER B 32 -2.28 5.24 8.72
N TYR B 33 -2.34 4.25 9.61
CA TYR B 33 -3.43 3.28 9.61
C TYR B 33 -4.56 3.54 10.63
N LEU B 34 -4.51 4.64 11.36
CA LEU B 34 -5.56 4.89 12.36
C LEU B 34 -6.56 5.97 11.90
N HIS B 35 -7.84 5.67 12.07
CA HIS B 35 -8.89 6.57 11.59
C HIS B 35 -10.01 6.77 12.62
N TRP B 36 -10.86 7.77 12.37
CA TRP B 36 -12.00 8.05 13.24
C TRP B 36 -13.29 8.07 12.43
N TYR B 37 -14.40 7.70 13.07
CA TYR B 37 -15.70 7.76 12.43
C TYR B 37 -16.69 8.44 13.36
N GLN B 38 -17.56 9.27 12.78
CA GLN B 38 -18.63 9.88 13.55
C GLN B 38 -19.96 9.21 13.20
N GLN B 39 -20.70 8.81 14.23
CA GLN B 39 -22.03 8.25 14.01
C GLN B 39 -23.07 9.03 14.81
N LYS B 40 -23.98 9.69 14.10
CA LYS B 40 -25.12 10.33 14.72
C LYS B 40 -26.22 9.31 15.00
N SER B 41 -27.07 9.62 15.97
CA SER B 41 -28.14 8.71 16.39
C SER B 41 -29.09 8.31 15.25
N GLY B 42 -29.25 7.00 15.08
CA GLY B 42 -30.16 6.46 14.07
C GLY B 42 -29.62 6.45 12.66
N ALA B 43 -28.31 6.72 12.51
CA ALA B 43 -27.71 6.81 11.19
C ALA B 43 -26.47 5.94 11.08
N SER B 44 -26.02 5.74 9.84
CA SER B 44 -24.78 5.01 9.58
C SER B 44 -23.56 5.82 10.02
N PRO B 45 -22.44 5.13 10.27
CA PRO B 45 -21.19 5.85 10.55
C PRO B 45 -20.70 6.62 9.33
N LYS B 46 -19.99 7.72 9.56
CA LYS B 46 -19.34 8.48 8.50
C LYS B 46 -17.85 8.61 8.79
N LEU B 47 -17.02 8.37 7.78
CA LEU B 47 -15.58 8.60 7.91
C LEU B 47 -15.34 10.06 8.28
N TRP B 48 -14.54 10.28 9.32
CA TRP B 48 -14.33 11.62 9.85
C TRP B 48 -12.88 12.06 9.72
N ILE B 49 -11.97 11.32 10.35
CA ILE B 49 -10.54 11.59 10.25
C ILE B 49 -9.78 10.34 9.81
N TYR B 50 -8.88 10.48 8.84
CA TYR B 50 -8.10 9.35 8.36
C TYR B 50 -6.59 9.61 8.46
N SER B 51 -5.81 8.56 8.72
CA SER B 51 -4.36 8.68 8.94
C SER B 51 -4.05 9.70 10.03
N THR B 52 -4.90 9.69 11.05
CA THR B 52 -4.71 10.37 12.34
C THR B 52 -4.83 11.89 12.32
N SER B 53 -4.42 12.52 11.23
CA SER B 53 -4.46 13.97 11.15
C SER B 53 -5.44 14.57 10.15
N ASN B 54 -6.01 13.75 9.27
CA ASN B 54 -6.58 14.28 8.03
C ASN B 54 -8.10 14.26 8.01
N LEU B 55 -8.70 15.44 7.86
CA LEU B 55 -10.14 15.57 7.87
C LEU B 55 -10.75 15.02 6.57
N ALA B 56 -11.84 14.27 6.72
CA ALA B 56 -12.59 13.76 5.58
C ALA B 56 -13.35 14.90 4.91
N SER B 57 -13.74 14.69 3.66
CA SER B 57 -14.47 15.72 2.91
C SER B 57 -15.76 16.11 3.61
N GLY B 58 -15.96 17.40 3.83
CA GLY B 58 -17.16 17.90 4.45
C GLY B 58 -17.01 18.17 5.94
N VAL B 59 -15.88 17.74 6.49
CA VAL B 59 -15.63 17.90 7.93
C VAL B 59 -15.04 19.27 8.25
N PRO B 60 -15.73 20.03 9.13
CA PRO B 60 -15.35 21.38 9.52
C PRO B 60 -13.99 21.44 10.21
N ALA B 61 -13.32 22.59 10.11
CA ALA B 61 -11.94 22.73 10.55
C ALA B 61 -11.81 22.73 12.07
N ARG B 62 -12.93 22.83 12.78
CA ARG B 62 -12.91 22.81 14.24
C ARG B 62 -12.41 21.45 14.75
N PHE B 63 -12.50 20.43 13.90
CA PHE B 63 -12.01 19.09 14.21
C PHE B 63 -10.52 18.94 13.92
N SER B 64 -9.83 18.19 14.77
CA SER B 64 -8.43 17.88 14.56
C SER B 64 -8.07 16.59 15.27
N GLY B 65 -6.96 15.97 14.89
CA GLY B 65 -6.53 14.74 15.53
C GLY B 65 -5.03 14.56 15.53
N SER B 66 -4.55 13.78 16.49
CA SER B 66 -3.12 13.55 16.67
C SER B 66 -2.85 12.26 17.41
N GLY B 67 -1.61 11.79 17.32
CA GLY B 67 -1.17 10.66 18.11
C GLY B 67 -0.11 9.83 17.40
N SER B 68 0.24 8.71 18.01
CA SER B 68 1.20 7.75 17.46
C SER B 68 1.33 6.58 18.42
N GLY B 69 1.86 5.47 17.93
CA GLY B 69 2.04 4.29 18.75
C GLY B 69 0.71 3.78 19.27
N THR B 70 0.60 3.68 20.60
CA THR B 70 -0.61 3.17 21.23
C THR B 70 -1.56 4.26 21.72
N SER B 71 -1.24 5.52 21.48
CA SER B 71 -2.05 6.60 22.02
C SER B 71 -2.45 7.63 20.97
N TYR B 72 -3.76 7.82 20.80
CA TYR B 72 -4.30 8.78 19.84
C TYR B 72 -5.46 9.58 20.46
N SER B 73 -5.79 10.70 19.84
CA SER B 73 -6.86 11.54 20.35
C SER B 73 -7.57 12.36 19.27
N LEU B 74 -8.82 12.70 19.54
CA LEU B 74 -9.61 13.56 18.67
C LEU B 74 -10.00 14.80 19.46
N THR B 75 -9.90 15.96 18.83
CA THR B 75 -10.14 17.23 19.50
C THR B 75 -11.05 18.14 18.69
N ILE B 76 -12.07 18.70 19.35
CA ILE B 76 -12.91 19.72 18.73
C ILE B 76 -12.59 21.06 19.38
N SER B 77 -12.14 22.02 18.56
CA SER B 77 -11.70 23.32 19.08
C SER B 77 -12.84 24.08 19.72
N SER B 78 -13.91 24.30 18.97
CA SER B 78 -15.11 24.93 19.50
C SER B 78 -16.32 24.08 19.15
N VAL B 79 -16.95 23.50 20.16
CA VAL B 79 -18.00 22.52 19.95
C VAL B 79 -19.34 23.16 19.54
N GLU B 80 -20.01 22.52 18.59
CA GLU B 80 -21.34 22.92 18.18
C GLU B 80 -22.32 21.80 18.52
N ALA B 81 -23.61 22.12 18.64
CA ALA B 81 -24.60 21.10 18.94
C ALA B 81 -24.71 20.11 17.78
N GLU B 82 -24.31 20.57 16.60
CA GLU B 82 -24.23 19.75 15.41
C GLU B 82 -23.19 18.62 15.57
N ASP B 83 -22.28 18.79 16.53
CA ASP B 83 -21.21 17.84 16.74
C ASP B 83 -21.55 16.74 17.74
N ALA B 84 -22.78 16.75 18.25
CA ALA B 84 -23.17 15.74 19.22
C ALA B 84 -23.40 14.42 18.51
N ALA B 85 -22.62 13.41 18.90
CA ALA B 85 -22.63 12.11 18.23
C ALA B 85 -21.80 11.09 19.02
N THR B 86 -21.66 9.89 18.47
CA THR B 86 -20.71 8.93 19.01
C THR B 86 -19.53 8.77 18.06
N TYR B 87 -18.32 8.76 18.63
CA TYR B 87 -17.11 8.73 17.82
C TYR B 87 -16.34 7.44 18.05
N TYR B 88 -16.16 6.67 16.98
CA TYR B 88 -15.39 5.44 17.04
C TYR B 88 -14.08 5.60 16.29
N CYS B 89 -12.98 5.22 16.94
CA CYS B 89 -11.71 5.17 16.22
C CYS B 89 -11.56 3.79 15.60
N GLN B 90 -10.52 3.62 14.79
CA GLN B 90 -10.29 2.34 14.12
C GLN B 90 -8.82 2.18 13.75
N GLN B 91 -8.33 0.94 13.78
CA GLN B 91 -7.00 0.63 13.25
C GLN B 91 -7.11 -0.28 12.03
N PHE B 92 -6.46 0.10 10.93
CA PHE B 92 -6.34 -0.78 9.78
C PHE B 92 -4.97 -1.47 9.65
N SER B 93 -4.08 -1.27 10.63
CA SER B 93 -2.72 -1.80 10.55
C SER B 93 -2.68 -3.31 10.24
N GLY B 94 -3.51 -4.09 10.93
CA GLY B 94 -3.54 -5.53 10.74
C GLY B 94 -4.89 -6.18 10.99
N TYR B 95 -5.05 -7.40 10.50
CA TYR B 95 -6.29 -8.14 10.67
C TYR B 95 -6.26 -9.01 11.93
N PRO B 96 -7.40 -9.14 12.64
CA PRO B 96 -8.69 -8.53 12.32
C PRO B 96 -8.74 -7.04 12.62
N LEU B 97 -9.54 -6.34 11.84
CA LEU B 97 -9.66 -4.90 11.95
C LEU B 97 -10.55 -4.59 13.14
N THR B 98 -10.12 -3.66 13.98
CA THR B 98 -10.85 -3.39 15.20
C THR B 98 -11.29 -1.94 15.32
N PHE B 99 -12.42 -1.75 15.99
CA PHE B 99 -12.97 -0.43 16.25
C PHE B 99 -12.84 -0.13 17.73
N GLY B 100 -12.71 1.14 18.07
CA GLY B 100 -12.68 1.54 19.47
C GLY B 100 -14.05 1.33 20.10
N SER B 101 -14.09 1.34 21.43
CA SER B 101 -15.33 1.18 22.17
C SER B 101 -16.26 2.39 22.00
N GLY B 102 -15.72 3.50 21.52
CA GLY B 102 -16.53 4.67 21.24
C GLY B 102 -16.62 5.71 22.35
N THR B 103 -16.79 6.97 21.94
CA THR B 103 -17.04 8.06 22.87
C THR B 103 -18.32 8.79 22.50
N LYS B 104 -19.33 8.72 23.37
CA LYS B 104 -20.57 9.41 23.14
C LYS B 104 -20.49 10.85 23.63
N LEU B 105 -20.69 11.78 22.71
CA LEU B 105 -20.64 13.20 23.00
C LEU B 105 -22.03 13.79 23.02
N GLU B 106 -22.44 14.32 24.16
CA GLU B 106 -23.76 14.91 24.29
C GLU B 106 -23.67 16.36 24.73
N MET B 107 -24.66 17.15 24.32
CA MET B 107 -24.70 18.56 24.68
C MET B 107 -25.19 18.73 26.11
N LYS B 108 -24.71 19.78 26.77
CA LYS B 108 -25.25 20.11 28.08
C LYS B 108 -25.95 21.45 28.00
N ARG B 109 -26.88 21.65 28.94
CA ARG B 109 -27.71 22.85 28.95
C ARG B 109 -28.14 23.15 30.38
N ALA B 110 -28.99 24.16 30.52
CA ALA B 110 -29.53 24.50 31.83
C ALA B 110 -30.45 23.39 32.30
N ASP B 111 -30.41 23.12 33.60
CA ASP B 111 -31.26 22.09 34.20
C ASP B 111 -32.74 22.34 33.90
N ALA B 112 -33.47 21.27 33.64
CA ALA B 112 -34.90 21.36 33.32
C ALA B 112 -35.67 20.28 34.04
N ALA B 113 -36.82 20.64 34.61
CA ALA B 113 -37.67 19.68 35.30
C ALA B 113 -38.61 18.98 34.31
N PRO B 114 -38.89 17.69 34.55
CA PRO B 114 -39.76 16.93 33.66
C PRO B 114 -41.23 17.29 33.84
N THR B 115 -42.01 17.23 32.76
CA THR B 115 -43.46 17.31 32.87
C THR B 115 -44.02 15.89 32.93
N VAL B 116 -44.55 15.52 34.10
CA VAL B 116 -45.00 14.16 34.36
C VAL B 116 -46.49 13.96 34.05
N SER B 117 -46.78 12.97 33.21
CA SER B 117 -48.15 12.63 32.85
C SER B 117 -48.45 11.18 33.21
N ILE B 118 -49.64 10.90 33.72
CA ILE B 118 -50.00 9.53 34.10
C ILE B 118 -51.26 9.04 33.37
N PHE B 119 -51.15 7.86 32.77
CA PHE B 119 -52.23 7.29 31.98
C PHE B 119 -52.72 5.94 32.51
N PRO B 120 -53.99 5.88 32.94
CA PRO B 120 -54.62 4.63 33.38
C PRO B 120 -54.74 3.62 32.23
N PRO B 121 -54.91 2.33 32.54
CA PRO B 121 -55.03 1.31 31.50
C PRO B 121 -56.19 1.58 30.55
N SER B 122 -55.96 1.41 29.25
CA SER B 122 -57.01 1.57 28.26
C SER B 122 -58.11 0.55 28.49
N SER B 123 -59.32 0.87 28.10
CA SER B 123 -60.45 -0.03 28.30
C SER B 123 -60.40 -1.20 27.31
N GLU B 124 -59.55 -1.08 26.29
CA GLU B 124 -59.36 -2.14 25.32
C GLU B 124 -58.43 -3.22 25.85
N GLN B 125 -57.40 -2.80 26.59
CA GLN B 125 -56.47 -3.74 27.19
C GLN B 125 -57.15 -4.54 28.30
N LEU B 126 -58.02 -3.86 29.04
CA LEU B 126 -58.71 -4.46 30.18
C LEU B 126 -59.60 -5.64 29.77
N THR B 127 -60.11 -5.59 28.54
CA THR B 127 -60.92 -6.69 28.01
C THR B 127 -60.04 -7.92 27.73
N SER B 128 -58.78 -7.67 27.40
CA SER B 128 -57.83 -8.73 27.10
C SER B 128 -57.32 -9.39 28.38
N GLY B 129 -57.64 -8.80 29.52
CA GLY B 129 -57.27 -9.35 30.81
C GLY B 129 -56.01 -8.73 31.40
N GLY B 130 -55.34 -7.91 30.60
CA GLY B 130 -54.16 -7.19 31.07
C GLY B 130 -54.49 -5.79 31.53
N ALA B 131 -53.68 -5.25 32.42
CA ALA B 131 -53.79 -3.85 32.82
C ALA B 131 -52.39 -3.24 32.98
N SER B 132 -52.14 -2.16 32.24
CA SER B 132 -50.84 -1.50 32.34
C SER B 132 -50.98 0.02 32.47
N VAL B 133 -50.28 0.58 33.44
CA VAL B 133 -50.32 2.02 33.70
C VAL B 133 -49.05 2.70 33.18
N VAL B 134 -49.23 3.71 32.34
CA VAL B 134 -48.12 4.38 31.69
C VAL B 134 -47.85 5.77 32.27
N CYS B 135 -46.59 6.05 32.57
CA CYS B 135 -46.20 7.38 33.03
C CYS B 135 -45.12 7.97 32.14
N PHE B 136 -45.35 9.20 31.69
CA PHE B 136 -44.38 9.91 30.85
C PHE B 136 -43.64 10.97 31.63
N LEU B 137 -42.35 11.10 31.36
CA LEU B 137 -41.55 12.17 31.94
C LEU B 137 -40.79 12.84 30.79
N ASN B 138 -41.15 14.08 30.48
CA ASN B 138 -40.66 14.69 29.24
C ASN B 138 -39.85 15.96 29.41
N ASN B 139 -38.88 16.13 28.50
CA ASN B 139 -38.09 17.35 28.37
C ASN B 139 -37.39 17.78 29.66
N PHE B 140 -36.42 16.98 30.10
CA PHE B 140 -35.67 17.31 31.31
C PHE B 140 -34.16 17.18 31.10
N TYR B 141 -33.39 17.85 31.95
CA TYR B 141 -31.94 17.70 31.96
C TYR B 141 -31.45 17.80 33.41
N PRO B 142 -30.43 16.99 33.77
CA PRO B 142 -29.73 15.99 32.96
C PRO B 142 -30.52 14.68 32.80
N LYS B 143 -29.90 13.70 32.15
CA LYS B 143 -30.56 12.48 31.74
C LYS B 143 -31.04 11.61 32.89
N ASP B 144 -30.25 11.56 33.96
CA ASP B 144 -30.58 10.71 35.10
C ASP B 144 -31.88 11.14 35.76
N ILE B 145 -32.81 10.21 35.89
CA ILE B 145 -34.09 10.47 36.54
C ILE B 145 -34.62 9.17 37.16
N ASN B 146 -35.35 9.29 38.25
CA ASN B 146 -35.78 8.12 39.01
C ASN B 146 -37.29 8.06 39.21
N VAL B 147 -37.90 6.94 38.80
CA VAL B 147 -39.34 6.81 38.85
C VAL B 147 -39.76 5.88 39.97
N LYS B 148 -40.88 6.20 40.60
CA LYS B 148 -41.44 5.35 41.65
C LYS B 148 -42.92 5.07 41.39
N TRP B 149 -43.39 3.92 41.84
CA TRP B 149 -44.77 3.51 41.63
C TRP B 149 -45.43 3.08 42.93
N LYS B 150 -46.60 3.64 43.22
CA LYS B 150 -47.35 3.27 44.41
C LYS B 150 -48.76 2.83 44.04
N ILE B 151 -49.08 1.56 44.33
CA ILE B 151 -50.39 1.01 43.98
C ILE B 151 -51.50 1.61 44.83
N GLU B 152 -51.25 1.83 46.13
CA GLU B 152 -52.11 2.73 46.89
C GLU B 152 -51.27 3.82 47.55
N GLY B 153 -50.68 3.48 48.70
CA GLY B 153 -49.65 4.30 49.30
C GLY B 153 -48.32 3.57 49.30
N SER B 154 -48.31 2.40 48.66
CA SER B 154 -47.20 1.46 48.81
C SER B 154 -46.41 1.22 47.53
N GLU B 155 -45.09 1.33 47.65
CA GLU B 155 -44.19 1.14 46.53
C GLU B 155 -44.30 -0.26 45.93
N ARG B 156 -44.53 -0.32 44.61
CA ARG B 156 -44.47 -1.60 43.90
C ARG B 156 -43.31 -1.58 42.91
N GLN B 157 -42.31 -2.42 43.17
CA GLN B 157 -41.10 -2.43 42.37
C GLN B 157 -41.12 -3.42 41.21
N ASN B 158 -42.10 -4.32 41.20
CA ASN B 158 -42.13 -5.41 40.23
C ASN B 158 -42.83 -5.05 38.93
N GLY B 159 -42.34 -5.59 37.82
CA GLY B 159 -43.02 -5.48 36.53
C GLY B 159 -43.09 -4.08 35.95
N VAL B 160 -41.92 -3.47 35.77
CA VAL B 160 -41.84 -2.10 35.26
C VAL B 160 -40.94 -2.05 34.03
N LEU B 161 -41.39 -1.32 33.00
CA LEU B 161 -40.57 -1.12 31.82
C LEU B 161 -40.21 0.35 31.67
N ASN B 162 -38.93 0.68 31.87
CA ASN B 162 -38.45 2.04 31.72
C ASN B 162 -37.75 2.23 30.39
N SER B 163 -38.00 3.36 29.73
CA SER B 163 -37.35 3.66 28.46
C SER B 163 -36.95 5.13 28.36
N TRP B 164 -35.71 5.37 27.95
CA TRP B 164 -35.20 6.72 27.72
C TRP B 164 -35.12 7.01 26.23
N THR B 165 -35.32 8.26 25.86
CA THR B 165 -35.04 8.69 24.50
C THR B 165 -33.56 9.03 24.39
N ASP B 166 -33.11 9.41 23.20
CA ASP B 166 -31.79 10.00 23.08
C ASP B 166 -31.92 11.49 23.27
N GLN B 167 -30.82 12.22 23.28
CA GLN B 167 -30.89 13.65 23.53
C GLN B 167 -31.58 14.33 22.34
N ASP B 168 -32.48 15.26 22.64
CA ASP B 168 -33.22 15.95 21.59
C ASP B 168 -32.29 16.83 20.78
N SER B 169 -32.44 16.79 19.46
CA SER B 169 -31.55 17.53 18.56
C SER B 169 -31.75 19.04 18.62
N LYS B 170 -32.88 19.47 19.21
CA LYS B 170 -33.19 20.89 19.28
C LYS B 170 -33.02 21.46 20.69
N ASP B 171 -33.86 21.03 21.62
CA ASP B 171 -33.85 21.56 22.98
C ASP B 171 -32.86 20.85 23.90
N SER B 172 -32.22 19.81 23.38
CA SER B 172 -31.15 19.09 24.07
C SER B 172 -31.55 18.50 25.44
N THR B 173 -32.82 18.12 25.58
CA THR B 173 -33.28 17.49 26.82
C THR B 173 -33.46 16.00 26.62
N TYR B 174 -33.95 15.34 27.67
CA TYR B 174 -34.25 13.91 27.62
C TYR B 174 -35.69 13.65 28.00
N SER B 175 -36.18 12.46 27.66
CA SER B 175 -37.52 12.05 28.04
C SER B 175 -37.54 10.57 28.43
N MET B 176 -38.45 10.21 29.32
CA MET B 176 -38.52 8.83 29.79
C MET B 176 -39.96 8.35 29.96
N SER B 177 -40.20 7.10 29.55
CA SER B 177 -41.51 6.47 29.72
C SER B 177 -41.42 5.25 30.64
N SER B 178 -42.27 5.21 31.67
CA SER B 178 -42.31 4.07 32.58
C SER B 178 -43.67 3.39 32.56
N THR B 179 -43.68 2.08 32.31
CA THR B 179 -44.92 1.33 32.24
C THR B 179 -44.99 0.24 33.30
N LEU B 180 -46.00 0.34 34.17
CA LEU B 180 -46.27 -0.66 35.18
C LEU B 180 -47.37 -1.60 34.72
N THR B 181 -47.09 -2.89 34.64
CA THR B 181 -48.05 -3.86 34.10
C THR B 181 -48.57 -4.82 35.15
N LEU B 182 -49.91 -4.97 35.16
CA LEU B 182 -50.59 -5.83 36.12
C LEU B 182 -51.62 -6.71 35.41
N THR B 183 -52.14 -7.71 36.13
CA THR B 183 -53.28 -8.47 35.67
C THR B 183 -54.54 -7.64 35.90
N LYS B 184 -55.58 -7.90 35.11
CA LYS B 184 -56.84 -7.15 35.26
C LYS B 184 -57.40 -7.29 36.67
N ASP B 185 -57.36 -8.51 37.21
CA ASP B 185 -57.84 -8.78 38.55
C ASP B 185 -57.07 -7.94 39.59
N GLU B 186 -55.75 -8.04 39.55
CA GLU B 186 -54.89 -7.32 40.50
C GLU B 186 -55.06 -5.81 40.41
N TYR B 187 -55.38 -5.32 39.21
CA TYR B 187 -55.58 -3.89 39.02
C TYR B 187 -56.84 -3.40 39.71
N GLU B 188 -57.90 -4.19 39.64
CA GLU B 188 -59.20 -3.75 40.14
C GLU B 188 -59.37 -4.00 41.64
N ARG B 189 -58.33 -4.55 42.26
CA ARG B 189 -58.33 -4.75 43.71
C ARG B 189 -57.85 -3.50 44.43
N HIS B 190 -57.54 -2.46 43.66
CA HIS B 190 -57.04 -1.20 44.22
C HIS B 190 -57.65 -0.01 43.49
N ASN B 191 -57.51 1.19 44.06
CA ASN B 191 -58.10 2.38 43.42
C ASN B 191 -57.08 3.45 43.02
N SER B 192 -56.33 3.98 43.97
CA SER B 192 -55.47 5.12 43.68
C SER B 192 -54.05 4.73 43.28
N TYR B 193 -53.73 4.93 42.01
CA TYR B 193 -52.41 4.59 41.47
C TYR B 193 -51.57 5.84 41.28
N THR B 194 -50.30 5.76 41.67
CA THR B 194 -49.46 6.94 41.72
C THR B 194 -48.10 6.77 41.02
N CYS B 195 -47.86 7.62 40.04
CA CYS B 195 -46.55 7.73 39.41
C CYS B 195 -45.79 8.92 39.99
N GLU B 196 -44.54 8.71 40.39
CA GLU B 196 -43.76 9.74 41.06
C GLU B 196 -42.32 9.82 40.52
N ALA B 197 -41.77 11.03 40.49
CA ALA B 197 -40.50 11.25 39.78
C ALA B 197 -39.52 12.09 40.60
N THR B 198 -38.35 11.53 40.86
CA THR B 198 -37.32 12.25 41.58
C THR B 198 -36.19 12.67 40.64
N HIS B 199 -36.08 13.99 40.43
CA HIS B 199 -35.07 14.54 39.53
C HIS B 199 -34.19 15.55 40.26
N LYS B 200 -33.00 15.80 39.71
CA LYS B 200 -32.03 16.71 40.30
C LYS B 200 -32.59 18.12 40.52
N THR B 201 -33.51 18.54 39.64
CA THR B 201 -34.04 19.90 39.67
C THR B 201 -34.87 20.21 40.92
N SER B 202 -35.25 19.18 41.66
CA SER B 202 -36.06 19.39 42.86
C SER B 202 -35.77 18.35 43.94
N THR B 203 -35.78 18.79 45.19
CA THR B 203 -35.65 17.87 46.32
C THR B 203 -36.99 17.19 46.55
N SER B 204 -38.05 17.87 46.13
CA SER B 204 -39.40 17.34 46.21
C SER B 204 -39.75 16.62 44.91
N PRO B 205 -40.12 15.33 45.03
CA PRO B 205 -40.48 14.55 43.85
C PRO B 205 -41.80 15.01 43.21
N ILE B 206 -41.81 15.11 41.88
CA ILE B 206 -43.04 15.44 41.16
C ILE B 206 -43.96 14.22 41.14
N VAL B 207 -45.20 14.44 41.57
CA VAL B 207 -46.16 13.36 41.75
C VAL B 207 -47.39 13.51 40.84
N LYS B 208 -47.82 12.40 40.25
CA LYS B 208 -49.05 12.35 39.49
C LYS B 208 -49.84 11.11 39.86
N SER B 209 -51.08 11.30 40.29
CA SER B 209 -51.92 10.19 40.73
C SER B 209 -53.26 10.20 40.04
N PHE B 210 -53.98 9.08 40.14
CA PHE B 210 -55.35 9.01 39.71
C PHE B 210 -56.02 7.93 40.52
N ASN B 211 -57.34 8.00 40.70
CA ASN B 211 -58.03 6.91 41.38
C ASN B 211 -59.06 6.36 40.40
N ARG B 212 -59.52 5.13 40.64
CA ARG B 212 -60.54 4.51 39.81
C ARG B 212 -61.94 5.06 40.10
N ASN B 213 -62.07 5.75 41.22
CA ASN B 213 -63.28 6.48 41.56
C ASN B 213 -63.69 7.52 40.50
N GLU B 214 -62.78 8.20 39.81
CA GLU B 214 -63.17 9.34 38.95
C GLU B 214 -63.31 8.96 37.48
N GLU C 1 -24.02 10.48 -5.44
CA GLU C 1 -23.09 9.69 -6.27
C GLU C 1 -23.02 8.24 -5.79
N VAL C 2 -22.07 7.96 -4.90
CA VAL C 2 -21.92 6.61 -4.37
C VAL C 2 -23.07 6.24 -3.43
N GLN C 3 -23.72 5.12 -3.72
CA GLN C 3 -24.80 4.63 -2.88
C GLN C 3 -24.64 3.12 -2.64
N LEU C 4 -24.58 2.74 -1.37
CA LEU C 4 -24.51 1.34 -0.98
C LEU C 4 -25.81 0.96 -0.30
N VAL C 5 -26.45 -0.12 -0.75
CA VAL C 5 -27.73 -0.51 -0.19
C VAL C 5 -27.76 -1.97 0.23
N GLU C 6 -27.87 -2.20 1.54
CA GLU C 6 -27.93 -3.55 2.08
C GLU C 6 -29.36 -4.08 2.05
N SER C 7 -29.51 -5.32 1.62
CA SER C 7 -30.81 -5.97 1.59
C SER C 7 -30.70 -7.39 2.15
N GLY C 8 -31.85 -7.99 2.42
CA GLY C 8 -31.88 -9.29 3.08
C GLY C 8 -31.90 -9.06 4.58
N GLY C 9 -31.87 -10.12 5.36
CA GLY C 9 -31.82 -9.97 6.80
C GLY C 9 -33.20 -9.91 7.41
N GLY C 10 -33.29 -10.35 8.66
CA GLY C 10 -34.57 -10.48 9.33
C GLY C 10 -34.47 -11.52 10.41
N LEU C 11 -35.60 -12.13 10.78
CA LEU C 11 -35.59 -13.13 11.84
C LEU C 11 -35.15 -14.48 11.30
N VAL C 12 -34.24 -15.12 12.02
CA VAL C 12 -33.74 -16.45 11.69
C VAL C 12 -33.52 -17.21 12.99
N LYS C 13 -33.91 -18.48 13.02
CA LYS C 13 -33.73 -19.29 14.22
C LYS C 13 -32.28 -19.77 14.34
N PRO C 14 -31.78 -19.94 15.58
CA PRO C 14 -30.40 -20.36 15.84
C PRO C 14 -29.99 -21.62 15.09
N GLY C 15 -28.83 -21.58 14.44
CA GLY C 15 -28.38 -22.68 13.62
C GLY C 15 -28.80 -22.50 12.18
N GLY C 16 -29.72 -21.56 11.97
CA GLY C 16 -30.24 -21.27 10.64
C GLY C 16 -29.23 -20.52 9.78
N SER C 17 -29.59 -20.28 8.53
CA SER C 17 -28.69 -19.62 7.60
C SER C 17 -29.41 -18.53 6.81
N LEU C 18 -28.67 -17.51 6.39
CA LEU C 18 -29.24 -16.40 5.66
C LEU C 18 -28.20 -15.72 4.77
N LYS C 19 -28.66 -15.10 3.68
CA LYS C 19 -27.77 -14.47 2.72
C LYS C 19 -28.04 -12.97 2.63
N LEU C 20 -27.00 -12.16 2.80
CA LEU C 20 -27.13 -10.71 2.74
C LEU C 20 -26.56 -10.17 1.45
N SER C 21 -27.16 -9.10 0.96
CA SER C 21 -26.72 -8.51 -0.31
C SER C 21 -26.49 -7.02 -0.16
N CYS C 22 -25.55 -6.49 -0.93
CA CYS C 22 -25.29 -5.06 -0.96
C CYS C 22 -25.21 -4.60 -2.41
N ALA C 23 -26.11 -3.70 -2.79
CA ALA C 23 -26.13 -3.16 -4.14
C ALA C 23 -25.32 -1.87 -4.18
N ALA C 24 -24.29 -1.85 -5.03
CA ALA C 24 -23.43 -0.68 -5.15
C ALA C 24 -23.66 0.06 -6.47
N SER C 25 -23.60 1.39 -6.40
CA SER C 25 -23.75 2.22 -7.59
C SER C 25 -23.01 3.53 -7.40
N GLY C 26 -22.67 4.18 -8.51
CA GLY C 26 -22.04 5.49 -8.46
C GLY C 26 -20.53 5.47 -8.53
N PHE C 27 -19.96 4.29 -8.71
CA PHE C 27 -18.51 4.15 -8.84
C PHE C 27 -18.19 2.85 -9.56
N THR C 28 -16.95 2.70 -10.03
CA THR C 28 -16.55 1.43 -10.61
C THR C 28 -16.39 0.46 -9.44
N PHE C 29 -17.21 -0.59 -9.44
CA PHE C 29 -17.31 -1.49 -8.30
C PHE C 29 -16.11 -2.41 -8.25
N SER C 30 -15.58 -2.75 -9.43
CA SER C 30 -14.48 -3.70 -9.54
C SER C 30 -13.17 -3.13 -9.05
N SER C 31 -13.12 -1.82 -8.82
CA SER C 31 -11.89 -1.14 -8.45
C SER C 31 -11.67 -1.03 -6.93
N TYR C 32 -12.68 -1.38 -6.15
CA TYR C 32 -12.61 -1.17 -4.70
C TYR C 32 -12.82 -2.45 -3.89
N ALA C 33 -12.21 -2.50 -2.72
CA ALA C 33 -12.39 -3.61 -1.79
C ALA C 33 -13.62 -3.33 -0.93
N MET C 34 -14.34 -4.38 -0.57
CA MET C 34 -15.54 -4.21 0.24
C MET C 34 -15.43 -4.95 1.57
N SER C 35 -16.09 -4.43 2.59
CA SER C 35 -16.14 -5.11 3.88
C SER C 35 -17.52 -5.07 4.51
N TRP C 36 -17.76 -6.00 5.43
CA TRP C 36 -18.98 -5.95 6.24
C TRP C 36 -18.61 -5.57 7.66
N VAL C 37 -19.24 -4.51 8.17
CA VAL C 37 -19.13 -4.16 9.58
C VAL C 37 -20.51 -4.28 10.22
N ARG C 38 -20.58 -4.93 11.38
CA ARG C 38 -21.87 -5.07 12.06
C ARG C 38 -21.89 -4.32 13.38
N GLN C 39 -23.08 -3.87 13.77
CA GLN C 39 -23.25 -3.17 15.03
C GLN C 39 -24.30 -3.88 15.88
N SER C 40 -23.87 -4.39 17.04
CA SER C 40 -24.74 -5.10 17.96
C SER C 40 -25.81 -4.16 18.54
N PRO C 41 -26.86 -4.72 19.16
CA PRO C 41 -27.84 -3.86 19.83
C PRO C 41 -27.22 -2.99 20.94
N GLU C 42 -26.02 -3.36 21.36
CA GLU C 42 -25.25 -2.59 22.33
C GLU C 42 -24.40 -1.51 21.66
N LYS C 43 -24.62 -1.33 20.36
CA LYS C 43 -24.04 -0.25 19.56
C LYS C 43 -22.51 -0.35 19.40
N ARG C 44 -21.98 -1.55 19.51
CA ARG C 44 -20.55 -1.76 19.31
C ARG C 44 -20.24 -2.21 17.89
N LEU C 45 -19.36 -1.47 17.21
CA LEU C 45 -18.94 -1.79 15.86
C LEU C 45 -17.93 -2.94 15.82
N GLU C 46 -18.22 -3.95 15.01
CA GLU C 46 -17.34 -5.10 14.88
C GLU C 46 -17.17 -5.48 13.40
N TRP C 47 -15.93 -5.45 12.92
CA TRP C 47 -15.62 -5.82 11.55
C TRP C 47 -15.84 -7.32 11.31
N VAL C 48 -16.58 -7.65 10.26
CA VAL C 48 -16.92 -9.04 9.96
C VAL C 48 -15.95 -9.67 8.97
N ALA C 49 -15.89 -9.12 7.75
CA ALA C 49 -15.04 -9.69 6.71
C ALA C 49 -14.64 -8.65 5.66
N GLU C 50 -13.60 -8.95 4.88
CA GLU C 50 -13.18 -8.10 3.78
C GLU C 50 -12.96 -8.91 2.49
N ILE C 51 -13.36 -8.33 1.37
CA ILE C 51 -13.10 -8.94 0.07
C ILE C 51 -12.36 -7.94 -0.81
N SER C 52 -11.34 -8.41 -1.52
CA SER C 52 -10.55 -7.52 -2.36
C SER C 52 -11.32 -7.15 -3.62
N SER C 53 -10.72 -6.28 -4.45
CA SER C 53 -11.39 -5.74 -5.62
C SER C 53 -11.76 -6.84 -6.61
N GLY C 54 -10.89 -7.82 -6.75
CA GLY C 54 -11.13 -8.93 -7.66
C GLY C 54 -11.58 -10.17 -6.91
N GLY C 55 -11.76 -10.02 -5.60
CA GLY C 55 -12.25 -11.11 -4.77
C GLY C 55 -11.23 -12.19 -4.50
N ARG C 56 -9.97 -11.94 -4.85
CA ARG C 56 -8.93 -12.95 -4.71
C ARG C 56 -8.25 -12.90 -3.36
N TYR C 57 -8.55 -11.89 -2.56
CA TYR C 57 -8.01 -11.78 -1.21
C TYR C 57 -9.11 -11.57 -0.18
N ILE C 58 -9.25 -12.54 0.72
CA ILE C 58 -10.33 -12.54 1.71
C ILE C 58 -9.78 -12.56 3.13
N TYR C 59 -10.45 -11.84 4.04
CA TYR C 59 -10.09 -11.86 5.45
C TYR C 59 -11.34 -11.93 6.32
N TYR C 60 -11.29 -12.74 7.38
CA TYR C 60 -12.40 -12.86 8.31
C TYR C 60 -11.97 -12.62 9.75
N SER C 61 -12.89 -12.13 10.58
CA SER C 61 -12.65 -12.10 12.02
C SER C 61 -12.86 -13.51 12.58
N ASP C 62 -12.20 -13.83 13.69
CA ASP C 62 -12.25 -15.19 14.22
C ASP C 62 -13.63 -15.56 14.74
N THR C 63 -14.51 -14.56 14.86
CA THR C 63 -15.86 -14.79 15.34
C THR C 63 -16.71 -15.52 14.31
N VAL C 64 -16.65 -15.03 13.07
CA VAL C 64 -17.46 -15.55 11.98
C VAL C 64 -16.73 -16.53 11.07
N THR C 65 -15.49 -16.85 11.38
CA THR C 65 -14.66 -17.64 10.46
C THR C 65 -15.20 -19.06 10.26
N GLY C 66 -15.39 -19.41 9.00
CA GLY C 66 -15.84 -20.73 8.60
C GLY C 66 -17.35 -20.86 8.54
N ARG C 67 -18.04 -20.04 9.33
CA ARG C 67 -19.50 -19.95 9.27
C ARG C 67 -19.95 -18.98 8.16
N PHE C 68 -19.24 -17.86 8.04
CA PHE C 68 -19.60 -16.80 7.10
C PHE C 68 -18.77 -16.88 5.84
N THR C 69 -19.41 -16.59 4.71
CA THR C 69 -18.69 -16.51 3.43
C THR C 69 -19.04 -15.22 2.71
N ILE C 70 -18.03 -14.38 2.50
CA ILE C 70 -18.25 -13.14 1.77
C ILE C 70 -17.94 -13.34 0.28
N SER C 71 -18.90 -12.96 -0.56
CA SER C 71 -18.79 -13.16 -1.98
C SER C 71 -18.85 -11.82 -2.70
N ARG C 72 -18.64 -11.84 -4.01
CA ARG C 72 -18.65 -10.62 -4.78
C ARG C 72 -19.09 -10.84 -6.22
N ASP C 73 -19.87 -9.91 -6.75
CA ASP C 73 -20.19 -9.93 -8.17
C ASP C 73 -19.89 -8.58 -8.79
N ASN C 74 -18.88 -8.55 -9.66
CA ASN C 74 -18.46 -7.31 -10.30
C ASN C 74 -19.29 -6.98 -11.54
N ALA C 75 -20.00 -7.98 -12.06
CA ALA C 75 -20.84 -7.80 -13.23
C ALA C 75 -22.09 -6.99 -12.89
N ARG C 76 -22.83 -7.45 -11.89
CA ARG C 76 -24.05 -6.76 -11.44
C ARG C 76 -23.82 -5.85 -10.24
N ASN C 77 -22.57 -5.71 -9.83
CA ASN C 77 -22.18 -4.82 -8.73
C ASN C 77 -22.88 -5.16 -7.40
N ILE C 78 -22.87 -6.44 -7.04
CA ILE C 78 -23.52 -6.87 -5.82
C ILE C 78 -22.53 -7.56 -4.88
N LEU C 79 -22.48 -7.08 -3.63
CA LEU C 79 -21.69 -7.72 -2.59
C LEU C 79 -22.57 -8.71 -1.83
N HIS C 80 -22.01 -9.84 -1.43
CA HIS C 80 -22.79 -10.87 -0.74
C HIS C 80 -22.13 -11.33 0.54
N LEU C 81 -22.96 -11.71 1.51
CA LEU C 81 -22.48 -12.37 2.71
C LEU C 81 -23.38 -13.55 3.03
N GLU C 82 -22.81 -14.76 3.03
CA GLU C 82 -23.58 -15.97 3.28
C GLU C 82 -23.28 -16.53 4.67
N MET C 83 -24.28 -16.45 5.54
CA MET C 83 -24.13 -16.91 6.93
C MET C 83 -24.79 -18.27 7.13
N SER C 84 -24.18 -19.09 7.98
CA SER C 84 -24.73 -20.41 8.30
C SER C 84 -24.43 -20.75 9.75
N SER C 85 -25.19 -21.68 10.32
CA SER C 85 -25.09 -22.03 11.73
C SER C 85 -25.08 -20.76 12.59
N LEU C 86 -26.05 -19.89 12.32
CA LEU C 86 -26.16 -18.60 12.98
C LEU C 86 -26.44 -18.74 14.46
N ARG C 87 -25.92 -17.80 15.24
CA ARG C 87 -26.09 -17.81 16.69
C ARG C 87 -26.64 -16.47 17.15
N SER C 88 -27.13 -16.41 18.39
CA SER C 88 -27.77 -15.20 18.90
C SER C 88 -26.81 -14.01 18.94
N GLU C 89 -25.53 -14.28 19.17
CA GLU C 89 -24.54 -13.20 19.24
C GLU C 89 -24.26 -12.60 17.86
N ASP C 90 -24.83 -13.20 16.82
CA ASP C 90 -24.70 -12.66 15.47
C ASP C 90 -25.76 -11.60 15.21
N THR C 91 -26.67 -11.42 16.16
CA THR C 91 -27.70 -10.40 16.03
C THR C 91 -27.07 -9.03 15.98
N ALA C 92 -27.32 -8.30 14.89
CA ALA C 92 -26.74 -6.98 14.71
C ALA C 92 -27.35 -6.26 13.52
N MET C 93 -26.93 -5.02 13.30
CA MET C 93 -27.22 -4.34 12.06
C MET C 93 -25.98 -4.47 11.18
N TYR C 94 -26.15 -5.03 10.01
CA TYR C 94 -25.01 -5.28 9.14
C TYR C 94 -24.83 -4.16 8.13
N TYR C 95 -23.59 -3.69 8.01
CA TYR C 95 -23.25 -2.58 7.14
C TYR C 95 -22.36 -3.01 5.99
N CYS C 96 -22.69 -2.50 4.81
CA CYS C 96 -21.85 -2.63 3.63
C CYS C 96 -20.97 -1.39 3.55
N ALA C 97 -19.65 -1.59 3.54
CA ALA C 97 -18.72 -0.46 3.55
C ALA C 97 -17.53 -0.65 2.62
N ARG C 98 -17.21 0.40 1.87
CA ARG C 98 -16.00 0.44 1.07
C ARG C 98 -15.00 1.32 1.85
N GLY C 99 -13.70 1.08 1.73
CA GLY C 99 -13.13 0.47 0.55
C GLY C 99 -11.61 0.36 0.43
N GLU C 100 -11.15 0.41 -0.81
CA GLU C 100 -9.83 -0.03 -1.26
C GLU C 100 -8.62 0.41 -0.43
N VAL C 101 -8.48 1.70 -0.14
CA VAL C 101 -7.25 2.17 0.51
C VAL C 101 -7.23 1.94 2.03
N ARG C 102 -6.25 1.17 2.49
CA ARG C 102 -6.09 0.86 3.91
C ARG C 102 -5.84 2.11 4.76
N GLN C 103 -5.13 3.08 4.19
CA GLN C 103 -4.71 4.25 4.94
C GLN C 103 -5.76 5.37 4.93
N ARG C 104 -6.78 5.23 4.07
CA ARG C 104 -7.89 6.18 4.06
C ARG C 104 -9.15 5.70 4.81
N GLY C 105 -9.14 4.45 5.28
CA GLY C 105 -10.28 3.89 5.99
C GLY C 105 -11.53 3.64 5.13
N PHE C 106 -12.68 3.50 5.78
CA PHE C 106 -13.94 3.26 5.07
C PHE C 106 -14.64 4.56 4.76
N ASP C 107 -14.65 4.95 3.49
CA ASP C 107 -15.14 6.27 3.10
C ASP C 107 -16.62 6.30 2.73
N TYR C 108 -17.23 5.13 2.60
CA TYR C 108 -18.65 5.06 2.26
C TYR C 108 -19.34 3.89 2.97
N TRP C 109 -20.53 4.17 3.50
CA TRP C 109 -21.29 3.17 4.23
C TRP C 109 -22.72 3.07 3.71
N GLY C 110 -23.33 1.90 3.86
CA GLY C 110 -24.70 1.71 3.45
C GLY C 110 -25.68 2.09 4.55
N GLN C 111 -26.96 1.85 4.32
CA GLN C 111 -28.00 2.16 5.29
C GLN C 111 -28.05 1.09 6.39
N GLY C 112 -27.66 -0.13 6.03
CA GLY C 112 -27.66 -1.25 6.95
C GLY C 112 -28.91 -2.09 6.89
N THR C 113 -28.77 -3.38 7.13
CA THR C 113 -29.92 -4.28 7.18
C THR C 113 -29.85 -5.13 8.45
N THR C 114 -30.97 -5.23 9.15
CA THR C 114 -30.97 -5.81 10.49
C THR C 114 -31.16 -7.32 10.47
N LEU C 115 -30.27 -8.02 11.15
CA LEU C 115 -30.41 -9.45 11.35
C LEU C 115 -30.76 -9.74 12.80
N THR C 116 -31.85 -10.47 13.00
CA THR C 116 -32.21 -10.92 14.34
C THR C 116 -32.15 -12.44 14.37
N VAL C 117 -31.29 -12.98 15.22
CA VAL C 117 -31.22 -14.42 15.39
C VAL C 117 -31.86 -14.79 16.72
N SER C 118 -33.03 -15.42 16.65
CA SER C 118 -33.77 -15.79 17.84
C SER C 118 -34.72 -16.96 17.61
N SER C 119 -35.05 -17.66 18.67
CA SER C 119 -35.99 -18.79 18.58
C SER C 119 -37.42 -18.35 18.91
N ALA C 120 -37.58 -17.08 19.28
CA ALA C 120 -38.88 -16.54 19.62
C ALA C 120 -39.78 -16.41 18.38
N LYS C 121 -41.07 -16.72 18.56
CA LYS C 121 -42.03 -16.65 17.48
C LYS C 121 -42.46 -15.21 17.19
N THR C 122 -42.68 -14.91 15.91
CA THR C 122 -43.21 -13.60 15.52
C THR C 122 -44.62 -13.42 16.07
N THR C 123 -44.84 -12.32 16.79
CA THR C 123 -46.17 -12.02 17.32
C THR C 123 -46.58 -10.59 16.98
N ALA C 124 -47.89 -10.39 16.82
CA ALA C 124 -48.41 -9.07 16.48
C ALA C 124 -48.56 -8.21 17.73
N PRO C 125 -48.36 -6.89 17.58
CA PRO C 125 -48.50 -5.98 18.71
C PRO C 125 -49.96 -5.69 19.05
N SER C 126 -50.22 -5.36 20.31
CA SER C 126 -51.51 -4.84 20.71
C SER C 126 -51.36 -3.36 21.01
N VAL C 127 -51.96 -2.50 20.20
CA VAL C 127 -51.85 -1.07 20.42
C VAL C 127 -53.01 -0.58 21.29
N TYR C 128 -52.69 0.31 22.23
CA TYR C 128 -53.71 0.89 23.08
C TYR C 128 -53.61 2.41 23.05
N PRO C 129 -54.76 3.09 22.99
CA PRO C 129 -54.71 4.55 23.09
C PRO C 129 -54.59 4.99 24.55
N LEU C 130 -53.92 6.11 24.79
CA LEU C 130 -53.79 6.58 26.16
C LEU C 130 -54.52 7.91 26.34
N ALA C 131 -55.64 7.85 27.05
CA ALA C 131 -56.43 9.02 27.38
C ALA C 131 -56.19 9.42 28.82
N PRO C 132 -55.91 10.72 29.06
CA PRO C 132 -55.59 11.23 30.40
C PRO C 132 -56.72 11.07 31.42
N VAL C 133 -56.46 11.48 32.65
CA VAL C 133 -57.40 11.27 33.74
C VAL C 133 -58.57 12.26 33.65
N CYS C 134 -59.74 11.85 34.15
CA CYS C 134 -60.95 12.67 34.03
C CYS C 134 -61.78 12.71 35.30
N GLY C 135 -62.37 13.86 35.60
CA GLY C 135 -62.01 15.10 34.91
C GLY C 135 -60.94 15.80 35.72
N ASP C 136 -60.05 16.52 35.04
CA ASP C 136 -58.95 17.20 35.73
C ASP C 136 -58.77 18.63 35.23
N THR C 137 -57.82 19.34 35.84
CA THR C 137 -57.49 20.68 35.40
C THR C 137 -56.66 20.58 34.13
N THR C 138 -57.13 21.23 33.07
CA THR C 138 -56.47 21.17 31.78
C THR C 138 -55.76 22.49 31.47
N GLY C 139 -54.44 22.45 31.41
CA GLY C 139 -53.65 23.64 31.12
C GLY C 139 -53.69 24.00 29.65
N SER C 140 -52.72 24.81 29.23
CA SER C 140 -52.64 25.26 27.84
C SER C 140 -52.44 24.10 26.89
N SER C 141 -51.58 23.16 27.28
CA SER C 141 -51.29 21.99 26.44
C SER C 141 -51.68 20.71 27.15
N VAL C 142 -51.99 19.67 26.37
CA VAL C 142 -52.38 18.38 26.90
C VAL C 142 -51.54 17.27 26.25
N THR C 143 -51.25 16.23 27.02
CA THR C 143 -50.40 15.14 26.54
C THR C 143 -51.18 13.84 26.35
N LEU C 144 -51.16 13.31 25.13
CA LEU C 144 -51.76 12.01 24.85
C LEU C 144 -50.68 10.95 24.71
N GLY C 145 -51.09 9.70 24.50
CA GLY C 145 -50.13 8.61 24.40
C GLY C 145 -50.62 7.41 23.61
N CYS C 146 -49.68 6.58 23.20
CA CYS C 146 -50.00 5.34 22.50
C CYS C 146 -49.09 4.22 23.00
N LEU C 147 -49.68 3.10 23.38
CA LEU C 147 -48.92 1.97 23.92
C LEU C 147 -48.93 0.78 22.97
N VAL C 148 -47.76 0.48 22.41
CA VAL C 148 -47.58 -0.71 21.57
C VAL C 148 -46.92 -1.82 22.40
N LYS C 149 -47.65 -2.90 22.66
CA LYS C 149 -47.17 -3.89 23.62
C LYS C 149 -47.13 -5.31 23.08
N GLY C 150 -46.12 -6.07 23.51
CA GLY C 150 -46.02 -7.49 23.25
C GLY C 150 -45.83 -7.93 21.80
N TYR C 151 -44.80 -7.39 21.14
CA TYR C 151 -44.55 -7.72 19.75
C TYR C 151 -43.13 -8.21 19.52
N PHE C 152 -42.90 -8.78 18.34
CA PHE C 152 -41.62 -9.38 17.97
C PHE C 152 -41.68 -9.88 16.54
N PRO C 153 -40.60 -9.64 15.76
CA PRO C 153 -39.41 -8.88 16.11
C PRO C 153 -39.56 -7.40 15.76
N GLU C 154 -38.47 -6.66 15.92
CA GLU C 154 -38.41 -5.26 15.47
C GLU C 154 -38.33 -5.20 13.94
N PRO C 155 -38.64 -4.04 13.35
CA PRO C 155 -39.15 -2.79 13.94
C PRO C 155 -40.67 -2.64 13.90
N VAL C 156 -41.15 -1.54 14.47
CA VAL C 156 -42.51 -1.08 14.25
C VAL C 156 -42.45 0.35 13.75
N THR C 157 -43.48 0.75 13.02
CA THR C 157 -43.59 2.12 12.55
C THR C 157 -44.74 2.82 13.25
N LEU C 158 -44.42 3.83 14.05
CA LEU C 158 -45.45 4.62 14.72
C LEU C 158 -45.40 6.08 14.26
N THR C 159 -46.52 6.55 13.72
CA THR C 159 -46.66 7.96 13.36
C THR C 159 -47.96 8.50 13.94
N TRP C 160 -48.10 9.82 13.97
CA TRP C 160 -49.33 10.45 14.43
C TRP C 160 -50.03 11.17 13.30
N ASN C 161 -51.34 10.91 13.17
CA ASN C 161 -52.16 11.46 12.09
C ASN C 161 -51.51 11.25 10.73
N SER C 162 -51.08 10.02 10.48
CA SER C 162 -50.40 9.63 9.24
C SER C 162 -49.13 10.45 8.99
N GLY C 163 -48.49 10.89 10.08
CA GLY C 163 -47.23 11.62 9.99
C GLY C 163 -47.41 13.11 9.90
N SER C 164 -48.66 13.58 10.01
CA SER C 164 -48.97 15.00 9.92
C SER C 164 -48.21 15.82 10.95
N LEU C 165 -48.51 15.59 12.23
CA LEU C 165 -47.87 16.37 13.28
C LEU C 165 -46.61 15.67 13.79
N SER C 166 -45.46 16.25 13.47
CA SER C 166 -44.18 15.72 13.94
C SER C 166 -43.67 16.46 15.17
N SER C 167 -44.38 17.51 15.57
CA SER C 167 -43.91 18.38 16.64
C SER C 167 -44.53 18.01 18.00
N GLY C 168 -43.69 18.03 19.03
CA GLY C 168 -44.13 17.68 20.37
C GLY C 168 -44.38 16.20 20.52
N VAL C 169 -43.69 15.42 19.70
CA VAL C 169 -43.83 13.96 19.72
C VAL C 169 -42.57 13.29 20.27
N HIS C 170 -42.75 12.34 21.18
CA HIS C 170 -41.65 11.55 21.70
C HIS C 170 -41.94 10.06 21.56
N THR C 171 -41.18 9.37 20.71
CA THR C 171 -41.37 7.94 20.53
C THR C 171 -40.22 7.17 21.17
N PHE C 172 -40.55 6.46 22.25
CA PHE C 172 -39.55 5.79 23.06
C PHE C 172 -39.14 4.46 22.44
N PRO C 173 -37.82 4.24 22.34
CA PRO C 173 -37.29 3.00 21.75
C PRO C 173 -37.82 1.77 22.47
N ALA C 174 -37.94 0.66 21.74
CA ALA C 174 -38.55 -0.54 22.30
C ALA C 174 -37.60 -1.24 23.26
N VAL C 175 -38.17 -1.90 24.26
CA VAL C 175 -37.40 -2.65 25.23
C VAL C 175 -37.86 -4.09 25.24
N LEU C 176 -36.91 -5.03 25.10
CA LEU C 176 -37.24 -6.44 25.05
C LEU C 176 -37.34 -7.03 26.45
N GLN C 177 -38.51 -7.58 26.77
CA GLN C 177 -38.71 -8.29 28.03
C GLN C 177 -39.38 -9.63 27.79
N SER C 178 -38.67 -10.70 28.12
CA SER C 178 -39.12 -12.08 27.89
C SER C 178 -39.59 -12.30 26.44
N ASP C 179 -38.72 -11.95 25.50
CA ASP C 179 -38.96 -12.15 24.07
C ASP C 179 -40.15 -11.35 23.52
N LEU C 180 -40.51 -10.26 24.19
CA LEU C 180 -41.57 -9.38 23.70
C LEU C 180 -41.18 -7.92 23.85
N TYR C 181 -41.30 -7.16 22.75
CA TYR C 181 -40.99 -5.75 22.75
C TYR C 181 -42.20 -4.91 23.14
N THR C 182 -41.96 -3.88 23.96
CA THR C 182 -42.99 -2.92 24.30
C THR C 182 -42.49 -1.53 23.97
N LEU C 183 -43.34 -0.77 23.27
CA LEU C 183 -42.99 0.56 22.81
C LEU C 183 -44.11 1.53 23.17
N SER C 184 -43.74 2.74 23.58
CA SER C 184 -44.73 3.77 23.86
C SER C 184 -44.39 5.05 23.10
N SER C 185 -45.38 5.91 22.93
CA SER C 185 -45.18 7.20 22.28
C SER C 185 -46.09 8.26 22.90
N SER C 186 -45.58 9.46 23.07
CA SER C 186 -46.36 10.56 23.63
C SER C 186 -46.36 11.76 22.71
N VAL C 187 -47.48 12.47 22.67
CA VAL C 187 -47.59 13.69 21.89
C VAL C 187 -48.32 14.77 22.69
N THR C 188 -47.79 15.99 22.66
CA THR C 188 -48.42 17.11 23.34
C THR C 188 -49.02 18.09 22.34
N VAL C 189 -50.23 18.57 22.66
CA VAL C 189 -50.91 19.54 21.82
C VAL C 189 -51.70 20.51 22.69
N THR C 190 -51.97 21.71 22.16
CA THR C 190 -52.79 22.68 22.87
C THR C 190 -54.20 22.13 23.09
N SER C 191 -54.79 22.43 24.24
CA SER C 191 -56.11 21.90 24.58
C SER C 191 -57.20 22.42 23.66
N SER C 192 -56.88 23.42 22.84
CA SER C 192 -57.80 23.91 21.83
C SER C 192 -57.78 23.00 20.62
N THR C 193 -56.70 22.22 20.48
CA THR C 193 -56.56 21.28 19.39
C THR C 193 -57.32 19.98 19.66
N TRP C 194 -57.35 19.58 20.94
CA TRP C 194 -57.95 18.30 21.31
C TRP C 194 -58.86 18.45 22.54
N PRO C 195 -60.00 17.74 22.56
CA PRO C 195 -60.51 16.92 21.46
C PRO C 195 -61.37 17.70 20.47
N SER C 196 -60.87 18.85 20.01
CA SER C 196 -61.55 19.64 18.99
C SER C 196 -61.31 19.02 17.63
N GLN C 197 -60.16 18.37 17.49
CA GLN C 197 -59.78 17.70 16.26
C GLN C 197 -59.49 16.22 16.53
N SER C 198 -59.16 15.48 15.48
CA SER C 198 -58.93 14.04 15.61
C SER C 198 -57.45 13.71 15.76
N ILE C 199 -57.13 12.96 16.80
CA ILE C 199 -55.77 12.47 17.00
C ILE C 199 -55.74 10.94 16.92
N THR C 200 -55.07 10.42 15.88
CA THR C 200 -54.99 8.98 15.68
C THR C 200 -53.55 8.47 15.78
N CYS C 201 -53.41 7.27 16.32
CA CYS C 201 -52.12 6.61 16.46
C CYS C 201 -51.94 5.56 15.37
N ASN C 202 -51.01 5.81 14.45
CA ASN C 202 -50.74 4.89 13.35
C ASN C 202 -49.60 3.94 13.68
N VAL C 203 -49.89 2.63 13.69
CA VAL C 203 -48.88 1.63 14.01
C VAL C 203 -48.78 0.58 12.92
N ALA C 204 -47.55 0.29 12.49
CA ALA C 204 -47.31 -0.73 11.47
C ALA C 204 -46.22 -1.70 11.91
N HIS C 205 -46.56 -2.99 11.89
CA HIS C 205 -45.60 -4.04 12.19
C HIS C 205 -45.63 -5.10 11.09
N PRO C 206 -44.89 -4.84 9.99
CA PRO C 206 -44.93 -5.65 8.77
C PRO C 206 -44.67 -7.14 8.97
N ALA C 207 -43.86 -7.48 9.97
CA ALA C 207 -43.51 -8.88 10.23
C ALA C 207 -44.75 -9.74 10.44
N SER C 208 -45.70 -9.23 11.20
CA SER C 208 -46.95 -9.93 11.49
C SER C 208 -48.09 -9.52 10.56
N SER C 209 -47.78 -8.70 9.56
CA SER C 209 -48.78 -8.16 8.63
C SER C 209 -49.81 -7.32 9.37
N THR C 210 -49.33 -6.39 10.18
CA THR C 210 -50.20 -5.58 11.03
C THR C 210 -50.19 -4.09 10.68
N LYS C 211 -51.37 -3.57 10.32
CA LYS C 211 -51.55 -2.13 10.14
C LYS C 211 -52.75 -1.66 10.96
N VAL C 212 -52.51 -0.83 11.96
CA VAL C 212 -53.55 -0.44 12.89
C VAL C 212 -53.54 1.07 13.15
N ASP C 213 -54.73 1.65 13.24
CA ASP C 213 -54.88 3.05 13.64
C ASP C 213 -55.73 3.12 14.90
N LYS C 214 -55.39 4.04 15.81
CA LYS C 214 -56.14 4.19 17.04
C LYS C 214 -56.49 5.66 17.33
N LYS C 215 -57.79 5.97 17.32
CA LYS C 215 -58.24 7.31 17.70
C LYS C 215 -58.40 7.37 19.22
N ILE C 216 -57.89 8.44 19.82
CA ILE C 216 -57.94 8.58 21.27
C ILE C 216 -59.17 9.38 21.72
N GLU C 217 -60.01 8.74 22.52
CA GLU C 217 -61.25 9.37 22.99
C GLU C 217 -61.27 9.47 24.51
N PRO C 218 -61.84 10.56 25.04
CA PRO C 218 -61.90 10.84 26.49
C PRO C 218 -62.74 9.83 27.27
N ARG C 219 -63.55 9.04 26.58
CA ARG C 219 -64.47 8.08 27.20
C ARG C 219 -63.80 7.19 28.24
#